data_6M1K
#
_entry.id   6M1K
#
_cell.length_a   76.065
_cell.length_b   69.200
_cell.length_c   76.450
_cell.angle_alpha   90.000
_cell.angle_beta   95.560
_cell.angle_gamma   90.000
#
_symmetry.space_group_name_H-M   'P 1 21 1'
#
loop_
_entity.id
_entity.type
_entity.pdbx_description
1 polymer 'Ubiquitin carboxyl-terminal hydrolase 7'
2 non-polymer 'methyl 4-[[4-[[3-[4-(aminomethyl)phenyl]-2-methyl-7-oxidanylidene-pyrazolo[4,3-d]pyrimidin-6-yl]methyl]-4-oxidanyl-piperidin-1-yl]methyl]-3-chloranyl-benzoate'
3 water water
#
_entity_poly.entity_id   1
_entity_poly.type   'polypeptide(L)'
_entity_poly.pdbx_seq_one_letter_code
;KKHTGYVGLKNQGATCYMNSLLQTLFFTNQLRKAVYMMPTEGDDSSKSVPLALQRVFYELQHSDKPVGTKKLTKSFGWET
LDSFMQHDVQELCRVLLDNVENKMKGTCVEGTIPKLFRGKMVSYIQCKEVDYRSDRREDYYDIQLSIKGKKNIFESFVDY
VAVEQLDGDNKYDAGEHGLQEAEKGVKFLTLPPVLHLQLMRFMYDPQTDQNIKINDRFEFPEQLPLDEFLQKTDPKDPAN
YILHAVLVHSGDNHGGHYVVYLNPKGDGKWCKFDDDVVSRCTKEEAIEHNYGGHDDDLSVRHCTNAYMLVYIRESKLSEV
LQAVTDHDIPQQLVERLQEEKRIEAQK
;
_entity_poly.pdbx_strand_id   A,B
#
loop_
_chem_comp.id
_chem_comp.type
_chem_comp.name
_chem_comp.formula
EZF non-polymer 'methyl 4-[[4-[[3-[4-(aminomethyl)phenyl]-2-methyl-7-oxidanylidene-pyrazolo[4,3-d]pyrimidin-6-yl]methyl]-4-oxidanyl-piperidin-1-yl]methyl]-3-chloranyl-benzoate' 'C28 H31 Cl N6 O4'
#
# COMPACT_ATOMS: atom_id res chain seq x y z
N LYS A 2 -8.19 0.92 -22.48
CA LYS A 2 -8.91 0.68 -23.72
C LYS A 2 -9.91 1.81 -24.01
N HIS A 3 -11.02 1.81 -23.27
CA HIS A 3 -12.13 2.75 -23.44
C HIS A 3 -11.67 4.17 -23.77
N THR A 4 -10.84 4.75 -22.89
CA THR A 4 -10.44 6.15 -22.97
C THR A 4 -9.32 6.40 -23.96
N GLY A 5 -8.69 5.36 -24.50
CA GLY A 5 -7.50 5.53 -25.31
C GLY A 5 -6.20 5.52 -24.51
N TYR A 6 -6.29 5.46 -23.19
CA TYR A 6 -5.12 5.50 -22.32
C TYR A 6 -5.11 4.26 -21.46
N VAL A 7 -3.93 3.71 -21.21
CA VAL A 7 -3.75 2.51 -20.40
C VAL A 7 -3.17 2.91 -19.05
N GLY A 8 -3.44 2.08 -18.03
CA GLY A 8 -3.05 2.36 -16.66
C GLY A 8 -1.76 1.67 -16.24
N LEU A 9 -1.39 1.91 -14.99
CA LEU A 9 -0.18 1.39 -14.39
C LEU A 9 -0.52 0.37 -13.30
N LYS A 10 0.20 -0.75 -13.27
CA LYS A 10 -0.08 -1.78 -12.28
C LYS A 10 0.11 -1.26 -10.85
N ASN A 11 -0.68 -1.79 -9.92
CA ASN A 11 -0.40 -1.62 -8.51
C ASN A 11 0.56 -2.73 -8.10
N GLN A 12 1.74 -2.34 -7.63
CA GLN A 12 2.79 -3.31 -7.36
C GLN A 12 3.54 -2.99 -6.07
N GLY A 13 2.94 -2.25 -5.16
CA GLY A 13 3.59 -1.92 -3.91
C GLY A 13 3.10 -0.58 -3.40
N ALA A 14 3.59 -0.22 -2.21
CA ALA A 14 3.28 1.06 -1.60
C ALA A 14 4.14 2.16 -2.24
N THR A 15 4.00 2.28 -3.56
CA THR A 15 4.74 3.29 -4.30
C THR A 15 4.08 4.66 -4.26
N CYS A 16 2.98 4.79 -3.51
CA CYS A 16 2.36 6.07 -3.19
C CYS A 16 2.33 6.82 -4.52
N TYR A 17 2.79 8.07 -4.53
CA TYR A 17 2.60 9.03 -5.60
C TYR A 17 3.16 8.58 -6.95
N MET A 18 3.81 7.42 -7.05
CA MET A 18 4.66 7.16 -8.21
C MET A 18 3.84 7.02 -9.49
N ASN A 19 2.84 6.15 -9.50
CA ASN A 19 2.06 5.95 -10.73
C ASN A 19 1.40 7.27 -11.18
N SER A 20 0.94 8.07 -10.21
CA SER A 20 0.43 9.39 -10.52
C SER A 20 1.46 10.24 -11.26
N LEU A 21 2.67 10.33 -10.69
CA LEU A 21 3.71 11.15 -11.30
C LEU A 21 4.13 10.60 -12.64
N LEU A 22 4.11 9.27 -12.82
CA LEU A 22 4.52 8.67 -14.08
C LEU A 22 3.53 9.02 -15.18
N GLN A 23 2.23 8.89 -14.88
CA GLN A 23 1.25 9.33 -15.88
C GLN A 23 1.41 10.81 -16.19
N THR A 24 1.64 11.63 -15.16
CA THR A 24 1.81 13.06 -15.38
C THR A 24 3.01 13.35 -16.30
N LEU A 25 4.14 12.68 -16.06
CA LEU A 25 5.30 12.86 -16.92
C LEU A 25 5.04 12.34 -18.33
N PHE A 26 4.40 11.17 -18.43
CA PHE A 26 4.14 10.55 -19.73
C PHE A 26 3.34 11.49 -20.63
N PHE A 27 2.39 12.21 -20.07
CA PHE A 27 1.56 13.11 -20.86
C PHE A 27 2.17 14.51 -20.99
N THR A 28 3.43 14.69 -20.59
CA THR A 28 4.22 15.86 -20.94
C THR A 28 4.91 15.53 -22.26
N ASN A 29 4.14 15.66 -23.35
CA ASN A 29 4.50 15.00 -24.60
C ASN A 29 5.90 15.39 -25.06
N GLN A 30 6.25 16.67 -24.91
CA GLN A 30 7.59 17.10 -25.33
C GLN A 30 8.66 16.37 -24.51
N LEU A 31 8.42 16.22 -23.20
CA LEU A 31 9.32 15.43 -22.38
C LEU A 31 9.37 13.99 -22.86
N ARG A 32 8.21 13.37 -23.08
CA ARG A 32 8.17 11.99 -23.54
C ARG A 32 9.00 11.81 -24.79
N LYS A 33 8.83 12.70 -25.77
CA LYS A 33 9.56 12.60 -27.01
C LYS A 33 11.06 12.70 -26.77
N ALA A 34 11.48 13.70 -25.98
CA ALA A 34 12.90 13.83 -25.72
C ALA A 34 13.46 12.60 -25.01
N VAL A 35 12.67 12.00 -24.11
CA VAL A 35 13.11 10.79 -23.43
C VAL A 35 13.29 9.66 -24.43
N TYR A 36 12.42 9.61 -25.44
CA TYR A 36 12.55 8.59 -26.47
C TYR A 36 13.87 8.72 -27.23
N MET A 37 14.43 9.93 -27.29
CA MET A 37 15.65 10.20 -28.06
C MET A 37 16.92 9.94 -27.27
N MET A 38 16.85 9.50 -26.03
CA MET A 38 18.07 9.32 -25.24
C MET A 38 18.87 8.16 -25.80
N PRO A 39 20.20 8.29 -25.89
CA PRO A 39 21.02 7.23 -26.50
C PRO A 39 21.39 6.13 -25.52
N THR A 40 20.51 5.15 -25.35
CA THR A 40 20.62 4.14 -24.30
C THR A 40 20.99 2.76 -24.82
N GLU A 41 21.41 2.65 -26.08
CA GLU A 41 21.70 1.33 -26.66
C GLU A 41 22.82 0.63 -25.92
N GLY A 42 23.81 1.38 -25.45
CA GLY A 42 24.87 0.78 -24.65
C GLY A 42 24.54 0.62 -23.19
N ASP A 43 23.32 0.98 -22.78
CA ASP A 43 22.99 1.01 -21.37
C ASP A 43 22.74 -0.39 -20.84
N ASP A 44 23.00 -0.55 -19.55
CA ASP A 44 22.70 -1.77 -18.82
C ASP A 44 21.24 -1.71 -18.39
N SER A 45 20.42 -2.62 -18.92
CA SER A 45 18.99 -2.65 -18.60
C SER A 45 18.71 -2.95 -17.14
N SER A 46 19.77 -3.20 -16.36
CA SER A 46 19.61 -3.47 -14.95
C SER A 46 19.75 -2.22 -14.11
N LYS A 47 20.53 -1.25 -14.57
CA LYS A 47 20.89 -0.09 -13.78
C LYS A 47 20.39 1.23 -14.36
N SER A 48 19.94 1.25 -15.61
CA SER A 48 19.67 2.49 -16.31
C SER A 48 18.28 3.00 -15.95
N VAL A 49 18.22 4.07 -15.18
CA VAL A 49 16.97 4.81 -15.02
C VAL A 49 16.47 5.36 -16.36
N PRO A 50 17.30 5.99 -17.21
CA PRO A 50 16.77 6.46 -18.50
C PRO A 50 16.10 5.36 -19.31
N LEU A 51 16.75 4.20 -19.43
CA LEU A 51 16.16 3.09 -20.16
C LEU A 51 14.85 2.65 -19.52
N ALA A 52 14.79 2.64 -18.18
CA ALA A 52 13.58 2.19 -17.50
C ALA A 52 12.40 3.13 -17.76
N LEU A 53 12.67 4.44 -17.78
CA LEU A 53 11.62 5.39 -18.12
C LEU A 53 11.22 5.26 -19.59
N GLN A 54 12.19 5.07 -20.49
CA GLN A 54 11.85 4.80 -21.89
C GLN A 54 10.94 3.59 -22.00
N ARG A 55 11.24 2.54 -21.23
CA ARG A 55 10.43 1.32 -21.29
C ARG A 55 9.00 1.60 -20.81
N VAL A 56 8.89 2.30 -19.68
CA VAL A 56 7.56 2.57 -19.13
C VAL A 56 6.75 3.42 -20.11
N PHE A 57 7.34 4.51 -20.60
CA PHE A 57 6.66 5.37 -21.57
C PHE A 57 6.27 4.56 -22.81
N TYR A 58 7.17 3.71 -23.29
CA TYR A 58 6.85 2.85 -24.43
C TYR A 58 5.61 2.03 -24.17
N GLU A 59 5.56 1.35 -23.01
CA GLU A 59 4.41 0.50 -22.72
C GLU A 59 3.15 1.34 -22.58
N LEU A 60 3.25 2.50 -21.93
CA LEU A 60 2.08 3.36 -21.78
C LEU A 60 1.55 3.80 -23.13
N GLN A 61 2.44 3.92 -24.11
CA GLN A 61 2.01 4.32 -25.46
C GLN A 61 1.44 3.15 -26.24
N HIS A 62 1.96 1.93 -26.04
CA HIS A 62 1.64 0.81 -26.91
C HIS A 62 0.77 -0.27 -26.27
N SER A 63 0.91 -0.52 -24.98
CA SER A 63 0.31 -1.68 -24.34
C SER A 63 -1.21 -1.53 -24.19
N ASP A 64 -1.92 -2.65 -24.30
CA ASP A 64 -3.34 -2.71 -23.98
C ASP A 64 -3.58 -3.13 -22.54
N LYS A 65 -2.58 -3.66 -21.87
CA LYS A 65 -2.71 -4.16 -20.51
C LYS A 65 -1.99 -3.24 -19.55
N PRO A 66 -2.38 -3.24 -18.27
CA PRO A 66 -1.71 -2.38 -17.29
C PRO A 66 -0.20 -2.58 -17.31
N VAL A 67 0.53 -1.48 -17.15
CA VAL A 67 1.97 -1.47 -17.35
C VAL A 67 2.66 -1.65 -16.01
N GLY A 68 3.70 -2.49 -15.98
CA GLY A 68 4.47 -2.73 -14.77
C GLY A 68 5.66 -1.79 -14.62
N THR A 69 6.07 -1.59 -13.37
CA THR A 69 7.09 -0.57 -13.08
C THR A 69 8.26 -1.12 -12.25
N LYS A 70 8.38 -2.44 -12.11
CA LYS A 70 9.35 -3.00 -11.18
C LYS A 70 10.78 -2.67 -11.59
N LYS A 71 11.10 -2.84 -12.89
CA LYS A 71 12.44 -2.49 -13.35
C LYS A 71 12.78 -1.02 -13.07
N LEU A 72 11.78 -0.15 -13.09
CA LEU A 72 12.03 1.28 -12.87
C LEU A 72 12.45 1.54 -11.41
N THR A 73 11.61 1.11 -10.46
CA THR A 73 11.96 1.28 -9.05
C THR A 73 13.29 0.59 -8.73
N LYS A 74 13.54 -0.56 -9.35
CA LYS A 74 14.84 -1.18 -9.18
C LYS A 74 15.95 -0.23 -9.65
N SER A 75 15.76 0.36 -10.84
CA SER A 75 16.83 1.15 -11.44
C SER A 75 17.18 2.36 -10.59
N PHE A 76 16.19 2.99 -9.94
CA PHE A 76 16.58 4.09 -9.05
C PHE A 76 16.57 3.71 -7.58
N GLY A 77 16.52 2.42 -7.26
CA GLY A 77 16.92 1.94 -5.95
C GLY A 77 15.97 2.20 -4.80
N TRP A 78 14.67 2.37 -5.06
CA TRP A 78 13.65 2.53 -4.03
C TRP A 78 12.86 1.23 -3.99
N GLU A 79 13.32 0.28 -3.19
CA GLU A 79 12.73 -1.05 -3.21
C GLU A 79 12.27 -1.56 -1.85
N THR A 80 12.49 -0.81 -0.77
CA THR A 80 12.07 -1.23 0.56
C THR A 80 10.58 -1.00 0.77
N LEU A 81 10.03 -1.64 1.80
CA LEU A 81 8.58 -1.57 2.05
C LEU A 81 8.07 -0.14 2.13
N ASP A 82 8.93 0.79 2.54
CA ASP A 82 8.48 2.15 2.82
C ASP A 82 9.38 3.22 2.20
N SER A 83 10.25 2.85 1.26
CA SER A 83 11.15 3.83 0.64
C SER A 83 10.40 5.01 0.02
N PHE A 84 9.16 4.79 -0.42
CA PHE A 84 8.40 5.89 -0.97
C PHE A 84 7.75 6.74 0.12
N MET A 85 7.47 6.14 1.27
CA MET A 85 6.89 6.92 2.36
C MET A 85 7.87 7.96 2.88
N GLN A 86 9.17 7.72 2.73
CA GLN A 86 10.19 8.61 3.26
C GLN A 86 10.68 9.62 2.23
N HIS A 87 9.90 9.88 1.18
CA HIS A 87 10.25 10.89 0.20
C HIS A 87 8.99 11.61 -0.26
N ASP A 88 9.13 12.90 -0.55
CA ASP A 88 8.05 13.65 -1.19
C ASP A 88 8.03 13.38 -2.70
N VAL A 89 6.89 13.69 -3.31
CA VAL A 89 6.72 13.43 -4.74
C VAL A 89 7.74 14.21 -5.56
N GLN A 90 8.08 15.43 -5.13
CA GLN A 90 9.03 16.23 -5.89
C GLN A 90 10.44 15.64 -5.87
N GLU A 91 10.81 14.91 -4.82
CA GLU A 91 12.11 14.25 -4.83
C GLU A 91 12.17 13.15 -5.86
N LEU A 92 11.10 12.36 -6.01
CA LEU A 92 11.06 11.35 -7.05
C LEU A 92 11.11 12.00 -8.42
N CYS A 93 10.33 13.06 -8.61
CA CYS A 93 10.40 13.82 -9.86
C CYS A 93 11.82 14.26 -10.16
N ARG A 94 12.53 14.77 -9.16
CA ARG A 94 13.90 15.25 -9.39
C ARG A 94 14.83 14.09 -9.71
N VAL A 95 14.70 12.95 -9.04
CA VAL A 95 15.52 11.79 -9.41
C VAL A 95 15.33 11.46 -10.89
N LEU A 96 14.07 11.31 -11.30
CA LEU A 96 13.77 10.92 -12.67
C LEU A 96 14.28 11.96 -13.67
N LEU A 97 13.93 13.22 -13.45
CA LEU A 97 14.27 14.27 -14.40
C LEU A 97 15.78 14.52 -14.44
N ASP A 98 16.47 14.41 -13.29
CA ASP A 98 17.91 14.58 -13.27
C ASP A 98 18.59 13.48 -14.07
N ASN A 99 18.18 12.23 -13.86
CA ASN A 99 18.73 11.14 -14.65
C ASN A 99 18.57 11.40 -16.15
N VAL A 100 17.34 11.70 -16.60
CA VAL A 100 17.16 11.80 -18.04
C VAL A 100 17.82 13.07 -18.58
N GLU A 101 17.82 14.16 -17.81
CA GLU A 101 18.52 15.37 -18.23
C GLU A 101 20.00 15.10 -18.45
N ASN A 102 20.65 14.47 -17.47
CA ASN A 102 22.06 14.11 -17.64
C ASN A 102 22.25 13.23 -18.86
N LYS A 103 21.36 12.26 -19.08
CA LYS A 103 21.49 11.40 -20.25
C LYS A 103 21.33 12.18 -21.56
N MET A 104 20.66 13.33 -21.54
CA MET A 104 20.47 14.10 -22.76
C MET A 104 21.67 14.98 -23.10
N LYS A 105 22.69 15.03 -22.25
CA LYS A 105 23.86 15.85 -22.53
C LYS A 105 24.54 15.40 -23.82
N GLY A 106 24.77 16.35 -24.72
CA GLY A 106 25.44 16.08 -25.98
C GLY A 106 24.53 15.62 -27.10
N THR A 107 23.23 15.45 -26.84
CA THR A 107 22.29 15.00 -27.85
C THR A 107 21.52 16.19 -28.41
N CYS A 108 20.71 15.93 -29.44
CA CYS A 108 19.85 16.96 -30.00
C CYS A 108 18.77 17.43 -29.03
N VAL A 109 18.55 16.72 -27.93
CA VAL A 109 17.55 17.14 -26.96
C VAL A 109 18.20 17.55 -25.64
N GLU A 110 19.48 17.94 -25.66
CA GLU A 110 20.09 18.49 -24.46
C GLU A 110 19.31 19.71 -23.98
N GLY A 111 19.08 19.80 -22.68
CA GLY A 111 18.40 20.94 -22.09
C GLY A 111 16.88 20.93 -22.18
N THR A 112 16.27 19.82 -22.60
CA THR A 112 14.81 19.75 -22.61
C THR A 112 14.25 19.99 -21.22
N ILE A 113 14.86 19.38 -20.20
CA ILE A 113 14.30 19.40 -18.84
C ILE A 113 14.30 20.83 -18.31
N PRO A 114 15.42 21.56 -18.30
CA PRO A 114 15.35 22.98 -17.90
C PRO A 114 14.41 23.81 -18.77
N LYS A 115 14.34 23.54 -20.07
CA LYS A 115 13.45 24.33 -20.92
C LYS A 115 11.99 24.15 -20.50
N LEU A 116 11.60 22.93 -20.16
CA LEU A 116 10.20 22.69 -19.80
C LEU A 116 9.89 23.09 -18.36
N PHE A 117 10.76 22.76 -17.40
CA PHE A 117 10.39 22.81 -15.99
C PHE A 117 11.10 23.85 -15.15
N ARG A 118 12.15 24.49 -15.63
CA ARG A 118 12.96 25.36 -14.79
C ARG A 118 12.55 26.83 -14.93
N GLY A 119 12.29 27.47 -13.79
CA GLY A 119 12.12 28.90 -13.71
C GLY A 119 13.17 29.54 -12.83
N LYS A 120 13.11 30.87 -12.73
CA LYS A 120 14.08 31.64 -11.98
C LYS A 120 13.39 32.66 -11.07
N MET A 121 13.94 32.83 -9.86
CA MET A 121 13.41 33.74 -8.84
C MET A 121 14.53 34.51 -8.16
N VAL A 122 14.20 35.66 -7.58
CA VAL A 122 15.14 36.45 -6.79
C VAL A 122 14.80 36.32 -5.32
N SER A 123 15.81 36.15 -4.49
CA SER A 123 15.72 36.28 -3.03
C SER A 123 16.50 37.52 -2.62
N TYR A 124 15.88 38.38 -1.82
CA TYR A 124 16.54 39.59 -1.38
C TYR A 124 16.52 39.69 0.14
N ILE A 125 17.55 40.36 0.66
CA ILE A 125 17.54 40.91 2.00
C ILE A 125 17.82 42.38 1.85
N GLN A 126 16.87 43.21 2.26
CA GLN A 126 17.01 44.67 2.18
C GLN A 126 17.10 45.23 3.59
N CYS A 127 18.26 45.83 3.90
CA CYS A 127 18.43 46.47 5.19
C CYS A 127 17.53 47.70 5.29
N LYS A 128 16.89 47.86 6.44
CA LYS A 128 15.94 48.96 6.61
C LYS A 128 16.65 50.25 6.99
N GLU A 129 17.58 50.19 7.94
CA GLU A 129 18.19 51.39 8.51
C GLU A 129 19.57 51.72 7.95
N VAL A 130 20.18 50.82 7.19
CA VAL A 130 21.39 51.13 6.42
C VAL A 130 21.12 50.79 4.96
N ASP A 131 22.05 51.16 4.10
CA ASP A 131 21.90 50.93 2.66
C ASP A 131 22.72 49.70 2.30
N TYR A 132 22.08 48.53 2.36
CA TYR A 132 22.71 47.30 1.93
C TYR A 132 21.63 46.30 1.56
N ARG A 133 21.77 45.69 0.39
CA ARG A 133 20.85 44.68 -0.09
C ARG A 133 21.66 43.51 -0.65
N SER A 134 21.22 42.29 -0.34
CA SER A 134 21.80 41.10 -0.94
C SER A 134 20.76 40.45 -1.84
N ASP A 135 21.17 40.13 -3.07
CA ASP A 135 20.31 39.55 -4.09
C ASP A 135 20.87 38.20 -4.52
N ARG A 136 20.00 37.20 -4.64
CA ARG A 136 20.46 35.83 -5.01
C ARG A 136 19.47 35.20 -6.01
N ARG A 137 19.85 35.18 -7.29
CA ARG A 137 19.03 34.56 -8.32
C ARG A 137 19.15 33.05 -8.20
N GLU A 138 18.01 32.36 -8.21
CA GLU A 138 17.94 30.93 -7.98
C GLU A 138 17.03 30.29 -9.01
N ASP A 139 17.44 29.12 -9.49
CA ASP A 139 16.55 28.30 -10.29
C ASP A 139 15.66 27.46 -9.39
N TYR A 140 14.48 27.10 -9.92
CA TYR A 140 13.57 26.19 -9.25
C TYR A 140 12.90 25.32 -10.30
N TYR A 141 12.63 24.06 -9.96
CA TYR A 141 11.90 23.15 -10.81
C TYR A 141 10.48 22.90 -10.34
N ASP A 142 10.14 23.37 -9.14
CA ASP A 142 8.87 23.10 -8.50
C ASP A 142 8.69 24.11 -7.38
N ILE A 143 7.44 24.34 -6.99
CA ILE A 143 7.12 25.29 -5.93
C ILE A 143 6.26 24.58 -4.90
N GLN A 144 6.63 24.74 -3.62
CA GLN A 144 5.86 24.22 -2.50
C GLN A 144 5.04 25.37 -1.93
N LEU A 145 3.72 25.25 -2.01
CA LEU A 145 2.80 26.31 -1.62
C LEU A 145 2.13 25.93 -0.31
N SER A 146 2.12 26.87 0.65
CA SER A 146 1.45 26.67 1.93
C SER A 146 -0.06 26.81 1.77
N ILE A 147 -0.81 25.92 2.39
CA ILE A 147 -2.26 25.97 2.25
C ILE A 147 -2.95 26.26 3.58
N LYS A 148 -2.31 25.92 4.70
CA LYS A 148 -2.92 26.15 6.01
C LYS A 148 -3.25 27.62 6.21
N GLY A 149 -4.53 27.94 6.29
CA GLY A 149 -4.96 29.31 6.47
C GLY A 149 -5.22 30.07 5.20
N LYS A 150 -5.02 29.45 4.03
CA LYS A 150 -5.26 30.09 2.75
C LYS A 150 -6.41 29.40 2.05
N LYS A 151 -7.14 30.17 1.25
CA LYS A 151 -8.33 29.65 0.59
C LYS A 151 -8.06 29.14 -0.82
N ASN A 152 -7.00 29.63 -1.49
CA ASN A 152 -6.83 29.31 -2.90
C ASN A 152 -5.38 29.51 -3.32
N ILE A 153 -5.11 29.13 -4.58
CA ILE A 153 -3.78 29.29 -5.16
C ILE A 153 -3.33 30.75 -5.09
N PHE A 154 -4.25 31.69 -5.34
CA PHE A 154 -3.88 33.09 -5.35
C PHE A 154 -3.35 33.55 -3.99
N GLU A 155 -4.06 33.19 -2.92
CA GLU A 155 -3.59 33.53 -1.58
C GLU A 155 -2.27 32.83 -1.26
N SER A 156 -2.08 31.60 -1.77
CA SER A 156 -0.81 30.91 -1.58
C SER A 156 0.33 31.68 -2.24
N PHE A 157 0.12 32.17 -3.47
CA PHE A 157 1.17 32.93 -4.13
C PHE A 157 1.40 34.27 -3.44
N VAL A 158 0.33 34.89 -2.95
CA VAL A 158 0.49 36.13 -2.17
C VAL A 158 1.36 35.86 -0.95
N ASP A 159 1.08 34.75 -0.25
CA ASP A 159 1.91 34.37 0.90
C ASP A 159 3.35 34.13 0.47
N TYR A 160 3.54 33.53 -0.71
CA TYR A 160 4.88 33.11 -1.13
C TYR A 160 5.80 34.30 -1.31
N VAL A 161 5.30 35.40 -1.88
CA VAL A 161 6.12 36.57 -2.14
C VAL A 161 5.98 37.62 -1.05
N ALA A 162 5.34 37.26 0.07
CA ALA A 162 5.15 38.20 1.16
C ALA A 162 6.48 38.52 1.84
N VAL A 163 6.66 39.80 2.19
CA VAL A 163 7.87 40.25 2.85
C VAL A 163 7.91 39.73 4.29
N GLU A 164 9.09 39.28 4.72
CA GLU A 164 9.32 38.84 6.09
C GLU A 164 10.25 39.80 6.80
N GLN A 165 9.93 40.12 8.06
CA GLN A 165 10.73 41.06 8.82
C GLN A 165 11.78 40.32 9.64
N LEU A 166 13.02 40.79 9.55
CA LEU A 166 14.12 40.32 10.37
C LEU A 166 14.46 41.45 11.33
N ASP A 167 13.95 41.33 12.56
CA ASP A 167 14.21 42.32 13.60
C ASP A 167 14.38 41.59 14.93
N GLY A 168 14.64 42.36 15.98
CA GLY A 168 14.76 41.81 17.31
C GLY A 168 15.85 40.76 17.39
N ASP A 169 15.46 39.54 17.74
CA ASP A 169 16.41 38.44 17.90
C ASP A 169 16.75 37.75 16.59
N ASN A 170 16.12 38.14 15.49
CA ASN A 170 16.42 37.58 14.18
C ASN A 170 16.90 38.66 13.22
N LYS A 171 17.66 39.63 13.75
CA LYS A 171 18.26 40.65 12.90
C LYS A 171 19.27 40.01 11.95
N TYR A 172 19.47 40.66 10.80
CA TYR A 172 20.30 40.14 9.74
C TYR A 172 21.75 40.52 9.97
N ASP A 173 22.66 39.56 9.79
CA ASP A 173 24.10 39.82 9.85
C ASP A 173 24.50 40.53 8.56
N ALA A 174 24.69 41.85 8.64
CA ALA A 174 25.03 42.67 7.50
C ALA A 174 26.54 42.94 7.40
N GLY A 175 27.37 42.03 7.88
CA GLY A 175 28.80 42.17 7.73
C GLY A 175 29.37 43.37 8.46
N GLU A 176 29.96 44.32 7.73
CA GLU A 176 30.59 45.48 8.37
C GLU A 176 29.56 46.42 8.98
N HIS A 177 28.30 46.37 8.54
CA HIS A 177 27.24 47.16 9.17
C HIS A 177 26.73 46.55 10.46
N GLY A 178 27.25 45.40 10.88
CA GLY A 178 26.76 44.76 12.09
C GLY A 178 25.36 44.21 11.91
N LEU A 179 24.73 43.94 13.05
CA LEU A 179 23.37 43.42 13.07
C LEU A 179 22.40 44.52 12.66
N GLN A 180 21.50 44.20 11.73
CA GLN A 180 20.63 45.20 11.16
C GLN A 180 19.21 44.65 11.05
N GLU A 181 18.25 45.55 11.14
CA GLU A 181 16.87 45.20 10.83
C GLU A 181 16.70 45.21 9.32
N ALA A 182 16.09 44.15 8.79
CA ALA A 182 16.01 43.99 7.35
C ALA A 182 14.69 43.33 6.99
N GLU A 183 14.40 43.29 5.70
CA GLU A 183 13.29 42.48 5.25
C GLU A 183 13.73 41.57 4.10
N LYS A 184 13.15 40.39 4.08
CA LYS A 184 13.60 39.24 3.30
C LYS A 184 12.39 38.68 2.56
N GLY A 185 12.54 38.47 1.25
CA GLY A 185 11.44 37.91 0.48
C GLY A 185 11.94 37.39 -0.85
N VAL A 186 10.99 36.85 -1.63
CA VAL A 186 11.28 36.34 -2.96
C VAL A 186 10.38 37.01 -3.98
N LYS A 187 10.86 37.03 -5.22
CA LYS A 187 10.05 37.44 -6.36
C LYS A 187 10.32 36.49 -7.51
N PHE A 188 9.29 36.24 -8.32
CA PHE A 188 9.46 35.42 -9.50
C PHE A 188 10.00 36.28 -10.63
N LEU A 189 11.03 35.77 -11.32
CA LEU A 189 11.55 36.38 -12.55
C LEU A 189 10.98 35.70 -13.79
N THR A 190 10.98 34.38 -13.81
CA THR A 190 10.34 33.60 -14.87
C THR A 190 9.47 32.50 -14.27
N LEU A 191 8.44 32.14 -14.99
CA LEU A 191 7.65 30.97 -14.71
C LEU A 191 7.82 29.98 -15.85
N PRO A 192 8.05 28.70 -15.56
CA PRO A 192 8.41 27.76 -16.63
C PRO A 192 7.21 27.39 -17.48
N PRO A 193 7.43 26.76 -18.64
CA PRO A 193 6.29 26.30 -19.45
C PRO A 193 5.46 25.22 -18.77
N VAL A 194 6.08 24.32 -18.02
CA VAL A 194 5.37 23.34 -17.21
C VAL A 194 5.66 23.65 -15.73
N LEU A 195 4.60 23.96 -14.99
CA LEU A 195 4.66 24.46 -13.63
C LEU A 195 4.20 23.34 -12.68
N HIS A 196 5.12 22.88 -11.85
CA HIS A 196 4.82 21.87 -10.83
C HIS A 196 4.62 22.56 -9.49
N LEU A 197 3.40 22.46 -8.94
CA LEU A 197 3.08 22.99 -7.63
C LEU A 197 2.73 21.84 -6.70
N GLN A 198 3.48 21.70 -5.61
CA GLN A 198 3.09 20.78 -4.56
C GLN A 198 2.42 21.60 -3.46
N LEU A 199 1.30 21.10 -2.97
CA LEU A 199 0.60 21.75 -1.87
C LEU A 199 1.09 21.13 -0.57
N MET A 200 1.30 21.97 0.44
CA MET A 200 1.85 21.51 1.71
C MET A 200 0.71 20.92 2.54
N ARG A 201 0.45 19.62 2.32
CA ARG A 201 -0.70 18.94 2.87
C ARG A 201 -0.40 18.11 4.12
N PHE A 202 0.86 18.05 4.56
CA PHE A 202 1.23 17.54 5.88
C PHE A 202 1.97 18.63 6.64
N MET A 203 2.24 18.39 7.93
CA MET A 203 3.01 19.32 8.75
C MET A 203 3.69 18.59 9.91
N TYR A 204 5.03 18.70 9.99
CA TYR A 204 5.83 18.11 11.07
C TYR A 204 5.95 19.14 12.19
N ASP A 205 5.06 19.01 13.18
CA ASP A 205 5.05 19.87 14.35
C ASP A 205 5.21 19.04 15.62
N PRO A 206 5.86 19.58 16.66
CA PRO A 206 5.94 18.83 17.93
C PRO A 206 4.58 18.49 18.51
N GLN A 207 3.60 19.40 18.40
CA GLN A 207 2.27 19.15 18.94
C GLN A 207 1.54 18.03 18.22
N THR A 208 1.93 17.73 16.98
CA THR A 208 1.30 16.66 16.20
C THR A 208 2.23 15.45 16.05
N ASP A 209 3.24 15.35 16.92
CA ASP A 209 4.19 14.21 16.88
C ASP A 209 4.78 14.34 15.46
N GLN A 210 4.66 13.27 14.66
CA GLN A 210 5.35 13.15 13.37
C GLN A 210 4.71 14.00 12.29
N ASN A 211 3.57 13.56 11.73
CA ASN A 211 3.00 14.30 10.60
C ASN A 211 1.51 14.04 10.51
N ILE A 212 0.72 15.11 10.43
CA ILE A 212 -0.71 15.01 10.17
C ILE A 212 -1.02 15.62 8.82
N LYS A 213 -2.07 15.10 8.19
CA LYS A 213 -2.52 15.57 6.90
C LYS A 213 -3.49 16.72 7.08
N ILE A 214 -3.17 17.87 6.50
CA ILE A 214 -4.08 19.02 6.48
C ILE A 214 -5.14 18.75 5.42
N ASN A 215 -6.37 18.49 5.85
CA ASN A 215 -7.47 18.18 4.95
C ASN A 215 -8.36 19.39 4.66
N ASP A 216 -7.86 20.59 4.95
CA ASP A 216 -8.67 21.79 4.78
C ASP A 216 -8.95 22.06 3.30
N ARG A 217 -10.04 22.76 3.05
CA ARG A 217 -10.42 23.12 1.70
C ARG A 217 -9.39 24.07 1.09
N PHE A 218 -8.99 23.80 -0.15
CA PHE A 218 -8.03 24.66 -0.83
C PHE A 218 -8.36 24.66 -2.31
N GLU A 219 -8.69 25.83 -2.84
CA GLU A 219 -9.23 25.97 -4.19
C GLU A 219 -8.14 26.31 -5.20
N PHE A 220 -8.18 25.65 -6.36
CA PHE A 220 -7.32 26.00 -7.46
C PHE A 220 -8.17 26.16 -8.70
N PRO A 221 -7.89 27.16 -9.55
CA PRO A 221 -8.72 27.39 -10.72
C PRO A 221 -8.25 26.54 -11.91
N GLU A 222 -9.14 26.41 -12.88
CA GLU A 222 -8.76 25.83 -14.16
C GLU A 222 -7.79 26.73 -14.89
N GLN A 223 -8.00 28.04 -14.83
CA GLN A 223 -7.15 29.04 -15.47
C GLN A 223 -6.50 29.90 -14.39
N LEU A 224 -5.17 29.90 -14.36
CA LEU A 224 -4.40 30.58 -13.32
C LEU A 224 -3.59 31.72 -13.93
N PRO A 225 -3.89 32.97 -13.62
CA PRO A 225 -3.04 34.07 -14.11
C PRO A 225 -1.99 34.44 -13.08
N LEU A 226 -0.72 34.52 -13.50
CA LEU A 226 0.37 34.70 -12.56
C LEU A 226 1.22 35.94 -12.83
N ASP A 227 0.86 36.77 -13.81
CA ASP A 227 1.63 37.97 -14.13
C ASP A 227 1.89 38.85 -12.91
N GLU A 228 0.90 38.98 -12.02
CA GLU A 228 1.08 39.92 -10.93
C GLU A 228 2.11 39.46 -9.92
N PHE A 229 2.61 38.22 -10.03
CA PHE A 229 3.67 37.72 -9.17
C PHE A 229 5.03 37.74 -9.86
N LEU A 230 5.08 38.23 -11.10
CA LEU A 230 6.34 38.41 -11.78
C LEU A 230 6.95 39.74 -11.37
N GLN A 231 8.27 39.76 -11.21
CA GLN A 231 8.98 41.03 -11.04
C GLN A 231 8.70 41.97 -12.21
N LYS A 232 8.60 41.43 -13.42
CA LYS A 232 8.34 42.24 -14.59
C LYS A 232 7.51 41.44 -15.57
N THR A 233 6.30 41.91 -15.86
CA THR A 233 5.46 41.21 -16.80
C THR A 233 5.96 41.43 -18.22
N ASP A 234 5.34 40.70 -19.14
CA ASP A 234 5.71 40.74 -20.55
C ASP A 234 4.44 40.72 -21.39
N PRO A 235 4.16 41.81 -22.13
CA PRO A 235 2.91 41.87 -22.90
C PRO A 235 2.81 40.87 -24.05
N LYS A 236 3.90 40.36 -24.61
CA LYS A 236 3.75 39.42 -25.69
C LYS A 236 3.57 37.98 -25.23
N ASP A 237 3.63 37.73 -23.92
CA ASP A 237 3.37 36.42 -23.34
C ASP A 237 3.00 36.57 -21.87
N PRO A 238 1.74 36.84 -21.56
CA PRO A 238 1.32 36.90 -20.16
C PRO A 238 1.39 35.52 -19.52
N ALA A 239 1.52 35.52 -18.19
CA ALA A 239 1.71 34.28 -17.42
C ALA A 239 0.36 33.64 -17.11
N ASN A 240 -0.32 33.21 -18.17
CA ASN A 240 -1.61 32.54 -18.05
C ASN A 240 -1.39 31.03 -18.17
N TYR A 241 -1.88 30.28 -17.19
CA TYR A 241 -1.60 28.86 -17.09
C TYR A 241 -2.90 28.06 -17.13
N ILE A 242 -2.80 26.88 -17.75
CA ILE A 242 -3.92 25.97 -17.96
C ILE A 242 -3.69 24.74 -17.09
N LEU A 243 -4.72 24.36 -16.32
CA LEU A 243 -4.61 23.23 -15.42
C LEU A 243 -4.50 21.94 -16.23
N HIS A 244 -3.47 21.17 -15.96
CA HIS A 244 -3.21 19.94 -16.70
C HIS A 244 -3.37 18.69 -15.86
N ALA A 245 -2.81 18.67 -14.65
CA ALA A 245 -2.89 17.48 -13.82
C ALA A 245 -3.24 17.83 -12.39
N VAL A 246 -3.98 16.93 -11.73
CA VAL A 246 -4.35 17.05 -10.32
C VAL A 246 -4.04 15.72 -9.64
N LEU A 247 -2.93 15.66 -8.89
CA LEU A 247 -2.55 14.48 -8.15
C LEU A 247 -3.14 14.54 -6.74
N VAL A 248 -3.87 13.47 -6.38
CA VAL A 248 -4.86 13.46 -5.30
C VAL A 248 -4.56 12.31 -4.34
N HIS A 249 -4.71 12.60 -3.05
CA HIS A 249 -4.58 11.61 -1.99
C HIS A 249 -5.84 11.63 -1.14
N SER A 250 -6.37 10.44 -0.82
CA SER A 250 -7.53 10.30 0.04
C SER A 250 -7.20 9.38 1.22
N GLY A 251 -7.40 9.88 2.44
CA GLY A 251 -7.04 9.18 3.65
C GLY A 251 -6.22 10.07 4.55
N ASP A 252 -5.44 9.44 5.42
CA ASP A 252 -4.65 10.16 6.41
C ASP A 252 -3.20 9.72 6.49
N ASN A 253 -2.80 8.66 5.78
CA ASN A 253 -1.51 8.03 5.98
C ASN A 253 -0.98 7.59 4.62
N HIS A 254 0.21 6.98 4.63
CA HIS A 254 0.79 6.48 3.39
C HIS A 254 0.10 5.20 2.91
N GLY A 255 -0.89 4.70 3.64
CA GLY A 255 -1.76 3.67 3.15
C GLY A 255 -2.99 4.19 2.44
N GLY A 256 -3.17 5.51 2.39
CA GLY A 256 -4.27 6.12 1.67
C GLY A 256 -4.27 5.82 0.18
N HIS A 257 -5.28 6.32 -0.53
CA HIS A 257 -5.46 6.03 -1.94
C HIS A 257 -4.92 7.19 -2.78
N TYR A 258 -4.00 6.88 -3.68
CA TYR A 258 -3.38 7.86 -4.58
C TYR A 258 -3.93 7.70 -5.99
N VAL A 259 -4.47 8.79 -6.55
CA VAL A 259 -4.91 8.77 -7.94
C VAL A 259 -4.48 10.08 -8.61
N VAL A 260 -4.58 10.11 -9.93
CA VAL A 260 -4.27 11.34 -10.65
C VAL A 260 -5.34 11.62 -11.70
N TYR A 261 -5.78 12.87 -11.75
CA TYR A 261 -6.68 13.35 -12.79
C TYR A 261 -5.86 14.11 -13.83
N LEU A 262 -6.19 13.92 -15.11
CA LEU A 262 -5.51 14.63 -16.18
C LEU A 262 -6.49 14.93 -17.30
N ASN A 263 -6.26 16.05 -17.99
CA ASN A 263 -6.80 16.25 -19.33
C ASN A 263 -5.61 16.28 -20.30
N PRO A 264 -5.22 15.14 -20.85
CA PRO A 264 -3.90 15.03 -21.49
C PRO A 264 -3.71 15.94 -22.69
N LYS A 265 -4.78 16.36 -23.36
CA LYS A 265 -4.64 17.25 -24.50
C LYS A 265 -4.77 18.72 -24.11
N GLY A 266 -4.97 19.03 -22.83
CA GLY A 266 -5.21 20.40 -22.45
C GLY A 266 -6.53 20.95 -22.93
N ASP A 267 -7.46 20.08 -23.30
CA ASP A 267 -8.74 20.46 -23.91
C ASP A 267 -9.91 20.41 -22.94
N GLY A 268 -9.64 20.29 -21.64
CA GLY A 268 -10.70 20.24 -20.65
C GLY A 268 -11.41 18.91 -20.51
N LYS A 269 -11.04 17.90 -21.28
CA LYS A 269 -11.69 16.59 -21.20
C LYS A 269 -10.85 15.68 -20.30
N TRP A 270 -11.40 15.35 -19.13
CA TRP A 270 -10.64 14.76 -18.05
C TRP A 270 -10.83 13.25 -17.93
N CYS A 271 -9.77 12.59 -17.48
CA CYS A 271 -9.79 11.19 -17.07
C CYS A 271 -9.17 11.04 -15.69
N LYS A 272 -9.70 10.06 -14.96
CA LYS A 272 -9.16 9.59 -13.71
C LYS A 272 -8.27 8.37 -13.97
N PHE A 273 -7.06 8.41 -13.41
CA PHE A 273 -6.08 7.32 -13.52
C PHE A 273 -5.91 6.76 -12.12
N ASP A 274 -6.41 5.53 -11.93
CA ASP A 274 -6.48 4.81 -10.67
C ASP A 274 -5.72 3.50 -10.87
N ASP A 275 -4.39 3.58 -10.88
CA ASP A 275 -3.55 2.37 -11.09
C ASP A 275 -3.98 1.82 -12.45
N ASP A 276 -4.48 0.59 -12.49
CA ASP A 276 -4.83 -0.11 -13.74
C ASP A 276 -6.13 0.40 -14.36
N VAL A 277 -6.93 1.18 -13.64
CA VAL A 277 -8.26 1.57 -14.09
C VAL A 277 -8.21 3.02 -14.54
N VAL A 278 -8.41 3.25 -15.84
CA VAL A 278 -8.47 4.60 -16.39
C VAL A 278 -9.89 4.84 -16.86
N SER A 279 -10.51 5.91 -16.36
CA SER A 279 -11.90 6.18 -16.66
C SER A 279 -12.12 7.64 -17.01
N ARG A 280 -13.04 7.88 -17.94
CA ARG A 280 -13.50 9.22 -18.27
C ARG A 280 -14.20 9.84 -17.06
N CYS A 281 -13.98 11.14 -16.81
CA CYS A 281 -14.63 11.76 -15.66
C CYS A 281 -15.02 13.19 -15.99
N THR A 282 -15.80 13.79 -15.09
CA THR A 282 -16.24 15.17 -15.27
C THR A 282 -15.16 16.14 -14.78
N LYS A 283 -15.23 17.37 -15.31
CA LYS A 283 -14.37 18.45 -14.84
C LYS A 283 -14.55 18.69 -13.35
N GLU A 284 -15.79 18.65 -12.88
CA GLU A 284 -16.05 18.88 -11.47
C GLU A 284 -15.35 17.84 -10.60
N GLU A 285 -15.35 16.58 -11.03
CA GLU A 285 -14.69 15.54 -10.24
C GLU A 285 -13.18 15.74 -10.21
N ALA A 286 -12.59 16.29 -11.28
CA ALA A 286 -11.15 16.48 -11.33
C ALA A 286 -10.72 17.70 -10.52
N ILE A 287 -11.54 18.73 -10.46
CA ILE A 287 -11.12 19.99 -9.87
C ILE A 287 -11.80 20.16 -8.52
N GLU A 288 -13.02 20.72 -8.50
CA GLU A 288 -13.66 21.11 -7.25
C GLU A 288 -13.71 19.98 -6.22
N HIS A 289 -13.95 18.74 -6.67
CA HIS A 289 -14.18 17.65 -5.74
C HIS A 289 -12.92 17.34 -4.95
N ASN A 290 -11.78 17.83 -5.41
CA ASN A 290 -10.51 17.64 -4.76
C ASN A 290 -10.05 18.91 -4.04
N TYR A 291 -10.94 19.88 -3.88
CA TYR A 291 -10.64 21.06 -3.08
C TYR A 291 -10.44 20.68 -1.61
N GLY A 292 -11.15 19.66 -1.14
CA GLY A 292 -11.08 19.25 0.25
C GLY A 292 -12.36 19.57 0.99
N GLY A 293 -12.59 18.80 2.07
CA GLY A 293 -13.80 18.90 2.88
C GLY A 293 -14.25 20.31 3.19
N HIS A 294 -15.55 20.52 3.30
CA HIS A 294 -16.12 21.85 3.45
C HIS A 294 -16.75 22.01 4.83
N HIS A 302 -13.75 13.68 5.86
CA HIS A 302 -13.76 14.20 4.50
C HIS A 302 -12.32 14.48 4.04
N CYS A 303 -11.65 13.48 3.48
CA CYS A 303 -10.19 13.48 3.40
C CYS A 303 -9.66 13.15 2.00
N THR A 304 -10.36 13.54 0.94
CA THR A 304 -9.88 13.37 -0.42
C THR A 304 -9.54 14.74 -0.99
N ASN A 305 -8.27 14.93 -1.40
CA ASN A 305 -7.90 16.26 -1.85
C ASN A 305 -6.60 16.23 -2.66
N ALA A 306 -6.35 17.33 -3.35
CA ALA A 306 -5.17 17.46 -4.18
C ALA A 306 -3.95 17.78 -3.34
N TYR A 307 -2.84 17.10 -3.62
CA TYR A 307 -1.56 17.53 -3.08
C TYR A 307 -0.62 18.05 -4.16
N MET A 308 -0.91 17.83 -5.44
CA MET A 308 0.00 18.41 -6.43
C MET A 308 -0.78 18.80 -7.69
N LEU A 309 -0.41 19.94 -8.27
CA LEU A 309 -1.03 20.49 -9.46
C LEU A 309 0.03 20.72 -10.54
N VAL A 310 -0.31 20.39 -11.78
CA VAL A 310 0.52 20.69 -12.93
C VAL A 310 -0.24 21.65 -13.82
N TYR A 311 0.38 22.79 -14.11
CA TYR A 311 -0.14 23.82 -15.01
C TYR A 311 0.79 23.95 -16.21
N ILE A 312 0.23 24.25 -17.36
CA ILE A 312 1.04 24.54 -18.55
C ILE A 312 0.73 25.96 -19.01
N ARG A 313 1.77 26.69 -19.40
CA ARG A 313 1.60 28.03 -19.93
C ARG A 313 0.79 27.98 -21.22
N GLU A 314 -0.25 28.80 -21.29
CA GLU A 314 -1.14 28.83 -22.45
C GLU A 314 -0.36 28.88 -23.77
N SER A 315 0.60 29.80 -23.84
CA SER A 315 1.42 30.03 -25.03
C SER A 315 2.32 28.87 -25.36
N LYS A 316 2.53 27.94 -24.43
CA LYS A 316 3.39 26.79 -24.69
C LYS A 316 2.60 25.49 -24.79
N LEU A 317 1.28 25.55 -24.67
CA LEU A 317 0.47 24.34 -24.59
C LEU A 317 0.63 23.46 -25.83
N SER A 318 0.43 24.04 -27.02
CA SER A 318 0.46 23.24 -28.24
CA SER A 318 0.46 23.26 -28.25
C SER A 318 1.80 22.55 -28.45
N GLU A 319 2.90 23.19 -28.04
CA GLU A 319 4.21 22.57 -28.17
C GLU A 319 4.48 21.56 -27.06
N VAL A 320 4.14 21.88 -25.81
CA VAL A 320 4.36 20.96 -24.70
C VAL A 320 3.58 19.67 -24.93
N LEU A 321 2.35 19.80 -25.43
CA LEU A 321 1.47 18.66 -25.69
C LEU A 321 1.44 18.26 -27.14
N GLN A 322 2.50 18.57 -27.91
CA GLN A 322 2.59 18.17 -29.32
C GLN A 322 2.35 16.68 -29.46
N ALA A 323 1.67 16.30 -30.54
CA ALA A 323 1.34 14.91 -30.77
C ALA A 323 2.58 14.04 -30.73
N VAL A 324 2.39 12.78 -30.31
CA VAL A 324 3.43 11.78 -30.35
C VAL A 324 2.91 10.60 -31.16
N THR A 325 3.64 10.24 -32.21
CA THR A 325 3.31 9.05 -33.01
C THR A 325 4.22 7.90 -32.61
N ASP A 326 3.90 6.71 -33.12
CA ASP A 326 4.76 5.55 -32.89
C ASP A 326 6.10 5.73 -33.58
N HIS A 327 6.12 6.51 -34.66
CA HIS A 327 7.35 6.72 -35.42
C HIS A 327 8.34 7.59 -34.65
N ASP A 328 7.88 8.33 -33.64
CA ASP A 328 8.76 9.13 -32.80
C ASP A 328 9.68 8.29 -31.92
N ILE A 329 9.43 7.00 -31.76
CA ILE A 329 10.30 6.12 -30.98
C ILE A 329 11.35 5.57 -31.94
N PRO A 330 12.63 5.84 -31.70
CA PRO A 330 13.69 5.35 -32.61
C PRO A 330 13.67 3.83 -32.74
N GLN A 331 14.04 3.37 -33.94
CA GLN A 331 13.88 1.97 -34.31
C GLN A 331 14.65 1.04 -33.38
N GLN A 332 15.89 1.41 -33.02
CA GLN A 332 16.68 0.56 -32.13
C GLN A 332 15.97 0.36 -30.80
N LEU A 333 15.46 1.46 -30.22
CA LEU A 333 14.75 1.39 -28.95
C LEU A 333 13.57 0.44 -29.07
N VAL A 334 12.81 0.56 -30.16
CA VAL A 334 11.63 -0.28 -30.34
C VAL A 334 12.03 -1.74 -30.39
N GLU A 335 13.12 -2.05 -31.12
CA GLU A 335 13.53 -3.45 -31.24
C GLU A 335 14.07 -3.99 -29.92
N ARG A 336 14.77 -3.15 -29.15
CA ARG A 336 15.26 -3.62 -27.86
C ARG A 336 14.11 -3.96 -26.91
N LEU A 337 13.09 -3.10 -26.86
CA LEU A 337 11.97 -3.38 -25.95
C LEU A 337 11.13 -4.54 -26.47
N GLN A 338 10.92 -4.62 -27.78
CA GLN A 338 10.23 -5.76 -28.38
C GLN A 338 10.93 -7.07 -28.04
N GLU A 339 12.27 -7.06 -28.01
CA GLU A 339 12.98 -8.27 -27.65
C GLU A 339 12.86 -8.57 -26.16
N GLU A 340 12.88 -7.54 -25.31
CA GLU A 340 12.54 -7.78 -23.91
C GLU A 340 11.22 -8.51 -23.79
N LYS A 341 10.21 -8.05 -24.52
CA LYS A 341 8.88 -8.61 -24.38
C LYS A 341 8.79 -10.00 -24.99
N ARG A 342 9.58 -10.29 -26.02
CA ARG A 342 9.63 -11.65 -26.53
C ARG A 342 10.37 -12.58 -25.58
N ILE A 343 11.45 -12.11 -24.96
CA ILE A 343 12.16 -12.93 -23.98
C ILE A 343 11.25 -13.25 -22.81
N GLU A 344 10.42 -12.28 -22.39
CA GLU A 344 9.46 -12.56 -21.33
C GLU A 344 8.39 -13.53 -21.80
N ALA A 345 7.89 -13.37 -23.02
CA ALA A 345 6.84 -14.25 -23.53
C ALA A 345 7.28 -15.70 -23.70
N GLN A 346 8.57 -16.01 -23.57
CA GLN A 346 9.06 -17.38 -23.75
C GLN A 346 9.30 -18.11 -22.42
N THR B 4 -11.62 1.86 24.06
CA THR B 4 -11.81 0.44 23.83
C THR B 4 -10.92 -0.39 24.74
N GLY B 5 -9.85 0.23 25.23
CA GLY B 5 -8.86 -0.47 26.02
C GLY B 5 -7.82 -1.21 25.22
N TYR B 6 -7.84 -1.07 23.89
CA TYR B 6 -6.93 -1.80 23.01
C TYR B 6 -6.23 -0.79 22.11
N VAL B 7 -4.96 -1.04 21.82
CA VAL B 7 -4.15 -0.10 21.05
C VAL B 7 -3.97 -0.66 19.64
N GLY B 8 -3.60 0.24 18.72
CA GLY B 8 -3.46 -0.11 17.32
C GLY B 8 -2.01 -0.33 16.89
N LEU B 9 -1.86 -0.55 15.58
CA LEU B 9 -0.58 -0.87 14.97
C LEU B 9 -0.30 0.13 13.85
N LYS B 10 0.96 0.51 13.70
CA LYS B 10 1.30 1.59 12.78
C LYS B 10 1.23 1.11 11.33
N ASN B 11 0.82 2.02 10.46
CA ASN B 11 0.95 1.81 9.02
C ASN B 11 2.37 2.14 8.59
N GLN B 12 3.10 1.14 8.12
CA GLN B 12 4.50 1.33 7.77
C GLN B 12 4.86 0.69 6.43
N GLY B 13 3.89 0.45 5.57
CA GLY B 13 4.16 -0.18 4.30
C GLY B 13 2.91 -0.82 3.75
N ALA B 14 3.06 -1.44 2.59
CA ALA B 14 2.01 -2.27 2.01
C ALA B 14 2.10 -3.68 2.58
N THR B 15 1.86 -3.79 3.88
CA THR B 15 1.92 -5.08 4.56
C THR B 15 0.64 -5.88 4.44
N CYS B 16 -0.41 -5.30 3.86
CA CYS B 16 -1.65 -5.97 3.50
C CYS B 16 -2.17 -6.58 4.85
N TYR B 17 -2.31 -7.87 4.95
CA TYR B 17 -2.99 -8.55 6.05
C TYR B 17 -2.24 -8.52 7.40
N MET B 18 -0.97 -8.08 7.41
CA MET B 18 -0.10 -8.34 8.54
C MET B 18 -0.69 -7.79 9.84
N ASN B 19 -0.91 -6.48 9.90
CA ASN B 19 -1.51 -5.90 11.11
C ASN B 19 -2.76 -6.66 11.54
N SER B 20 -3.64 -6.98 10.58
CA SER B 20 -4.83 -7.76 10.92
C SER B 20 -4.44 -9.06 11.60
N LEU B 21 -3.62 -9.87 10.93
CA LEU B 21 -3.18 -11.13 11.51
C LEU B 21 -2.55 -10.90 12.88
N LEU B 22 -1.75 -9.83 13.00
CA LEU B 22 -1.05 -9.62 14.26
C LEU B 22 -2.05 -9.44 15.39
N GLN B 23 -3.03 -8.55 15.20
CA GLN B 23 -4.04 -8.40 16.25
C GLN B 23 -4.71 -9.74 16.51
N THR B 24 -5.05 -10.46 15.44
CA THR B 24 -5.74 -11.74 15.57
C THR B 24 -4.94 -12.71 16.42
N LEU B 25 -3.61 -12.73 16.26
CA LEU B 25 -2.82 -13.65 17.06
C LEU B 25 -2.60 -13.11 18.47
N PHE B 26 -2.53 -11.77 18.62
CA PHE B 26 -2.28 -11.20 19.94
C PHE B 26 -3.42 -11.55 20.88
N PHE B 27 -4.65 -11.46 20.38
CA PHE B 27 -5.85 -11.80 21.13
C PHE B 27 -6.15 -13.29 21.14
N THR B 28 -5.19 -14.12 20.70
CA THR B 28 -5.18 -15.54 21.06
C THR B 28 -4.38 -15.65 22.35
N ASN B 29 -5.06 -15.31 23.46
CA ASN B 29 -4.39 -15.07 24.74
C ASN B 29 -3.48 -16.22 25.14
N GLN B 30 -3.93 -17.45 24.91
CA GLN B 30 -3.09 -18.60 25.26
C GLN B 30 -1.82 -18.63 24.42
N LEU B 31 -1.95 -18.39 23.12
CA LEU B 31 -0.77 -18.25 22.26
C LEU B 31 0.15 -17.15 22.78
N ARG B 32 -0.43 -15.97 23.09
CA ARG B 32 0.36 -14.85 23.58
C ARG B 32 1.18 -15.23 24.81
N LYS B 33 0.53 -15.83 25.81
CA LYS B 33 1.24 -16.25 27.01
C LYS B 33 2.39 -17.17 26.65
N ALA B 34 2.13 -18.19 25.83
CA ALA B 34 3.21 -19.10 25.47
C ALA B 34 4.32 -18.38 24.71
N VAL B 35 3.97 -17.35 23.94
CA VAL B 35 4.99 -16.59 23.22
C VAL B 35 5.89 -15.84 24.22
N TYR B 36 5.28 -15.28 25.26
CA TYR B 36 6.05 -14.60 26.29
C TYR B 36 7.05 -15.52 26.98
N MET B 37 6.78 -16.83 27.04
CA MET B 37 7.61 -17.74 27.81
C MET B 37 8.83 -18.23 27.04
N MET B 38 8.93 -17.91 25.76
CA MET B 38 10.03 -18.46 24.96
C MET B 38 11.37 -18.00 25.52
N PRO B 39 12.38 -18.88 25.57
CA PRO B 39 13.70 -18.50 26.10
C PRO B 39 14.56 -17.77 25.06
N THR B 40 14.27 -16.47 24.89
CA THR B 40 14.93 -15.66 23.87
C THR B 40 16.05 -14.78 24.44
N GLU B 41 16.64 -15.14 25.57
CA GLU B 41 17.63 -14.25 26.18
C GLU B 41 18.94 -14.27 25.40
N GLY B 42 19.31 -15.40 24.80
CA GLY B 42 20.51 -15.47 24.00
C GLY B 42 20.32 -15.11 22.55
N ASP B 43 19.14 -14.62 22.18
CA ASP B 43 18.81 -14.37 20.78
C ASP B 43 19.34 -13.02 20.30
N ASP B 44 19.80 -13.00 19.05
CA ASP B 44 20.16 -11.74 18.42
C ASP B 44 18.91 -10.89 18.22
N SER B 45 18.91 -9.68 18.77
CA SER B 45 17.74 -8.81 18.67
C SER B 45 17.41 -8.41 17.23
N SER B 46 18.26 -8.76 16.26
CA SER B 46 18.01 -8.47 14.86
C SER B 46 17.55 -9.69 14.07
N LYS B 47 18.01 -10.88 14.47
CA LYS B 47 17.72 -12.12 13.74
C LYS B 47 16.44 -12.79 14.20
N SER B 48 16.04 -12.61 15.45
CA SER B 48 15.04 -13.48 16.09
C SER B 48 13.64 -13.04 15.69
N VAL B 49 12.95 -13.89 14.92
CA VAL B 49 11.50 -13.77 14.77
C VAL B 49 10.79 -13.97 16.11
N PRO B 50 11.14 -14.98 16.93
CA PRO B 50 10.45 -15.10 18.24
C PRO B 50 10.55 -13.86 19.10
N LEU B 51 11.74 -13.24 19.16
CA LEU B 51 11.88 -12.00 19.93
C LEU B 51 11.03 -10.88 19.34
N ALA B 52 11.00 -10.77 18.02
CA ALA B 52 10.22 -9.71 17.39
C ALA B 52 8.73 -9.88 17.67
N LEU B 53 8.23 -11.12 17.68
CA LEU B 53 6.86 -11.36 18.08
C LEU B 53 6.62 -11.03 19.56
N GLN B 54 7.53 -11.47 20.45
CA GLN B 54 7.41 -11.10 21.86
C GLN B 54 7.33 -9.58 22.01
N ARG B 55 8.15 -8.87 21.25
CA ARG B 55 8.24 -7.41 21.37
C ARG B 55 6.96 -6.75 20.87
N VAL B 56 6.45 -7.21 19.73
CA VAL B 56 5.18 -6.66 19.22
C VAL B 56 4.06 -6.93 20.22
N PHE B 57 3.96 -8.17 20.72
CA PHE B 57 2.92 -8.51 21.68
C PHE B 57 3.01 -7.65 22.93
N TYR B 58 4.22 -7.52 23.48
CA TYR B 58 4.41 -6.70 24.67
C TYR B 58 3.94 -5.27 24.44
N GLU B 59 4.32 -4.69 23.29
CA GLU B 59 3.90 -3.33 22.99
C GLU B 59 2.37 -3.25 22.85
N LEU B 60 1.76 -4.23 22.19
CA LEU B 60 0.31 -4.26 22.07
C LEU B 60 -0.35 -4.34 23.44
N GLN B 61 0.32 -4.96 24.40
CA GLN B 61 -0.27 -5.12 25.72
C GLN B 61 -0.10 -3.88 26.58
N HIS B 62 0.98 -3.12 26.39
CA HIS B 62 1.32 -2.00 27.27
C HIS B 62 1.17 -0.63 26.63
N SER B 63 1.55 -0.49 25.37
CA SER B 63 1.78 0.84 24.82
C SER B 63 0.48 1.62 24.70
N ASP B 64 0.56 2.92 24.94
CA ASP B 64 -0.56 3.81 24.72
C ASP B 64 -0.60 4.33 23.30
N LYS B 65 0.49 4.21 22.56
CA LYS B 65 0.70 4.73 21.23
C LYS B 65 0.73 3.60 20.20
N PRO B 66 0.31 3.87 18.96
CA PRO B 66 0.36 2.84 17.91
C PRO B 66 1.71 2.16 17.85
N VAL B 67 1.68 0.83 17.65
CA VAL B 67 2.83 -0.05 17.81
C VAL B 67 3.51 -0.28 16.47
N GLY B 68 4.85 -0.22 16.46
CA GLY B 68 5.62 -0.43 15.25
C GLY B 68 5.98 -1.89 15.02
N THR B 69 6.28 -2.22 13.76
CA THR B 69 6.50 -3.61 13.36
C THR B 69 7.76 -3.84 12.53
N LYS B 70 8.70 -2.90 12.51
CA LYS B 70 9.80 -2.99 11.55
C LYS B 70 10.79 -4.09 11.91
N LYS B 71 11.15 -4.21 13.19
CA LYS B 71 12.05 -5.28 13.59
C LYS B 71 11.45 -6.65 13.29
N LEU B 72 10.12 -6.77 13.25
CA LEU B 72 9.47 -8.03 12.93
C LEU B 72 9.65 -8.41 11.46
N THR B 73 9.18 -7.52 10.57
CA THR B 73 9.33 -7.75 9.13
C THR B 73 10.79 -7.94 8.76
N LYS B 74 11.71 -7.24 9.42
CA LYS B 74 13.12 -7.54 9.22
C LYS B 74 13.45 -8.95 9.67
N SER B 75 12.97 -9.34 10.85
CA SER B 75 13.31 -10.66 11.38
C SER B 75 12.97 -11.76 10.40
N PHE B 76 11.80 -11.72 9.76
CA PHE B 76 11.53 -12.76 8.77
C PHE B 76 11.75 -12.29 7.33
N GLY B 77 12.44 -11.18 7.13
CA GLY B 77 13.00 -10.86 5.83
C GLY B 77 12.02 -10.57 4.72
N TRP B 78 10.84 -10.02 5.05
CA TRP B 78 9.88 -9.59 4.03
C TRP B 78 9.95 -8.06 3.95
N GLU B 79 10.95 -7.56 3.25
CA GLU B 79 11.20 -6.13 3.27
C GLU B 79 11.02 -5.43 1.91
N THR B 80 10.71 -6.17 0.86
CA THR B 80 10.57 -5.57 -0.46
C THR B 80 9.24 -4.84 -0.57
N LEU B 81 9.12 -4.05 -1.65
CA LEU B 81 7.91 -3.26 -1.89
C LEU B 81 6.66 -4.13 -1.88
N ASP B 82 6.73 -5.31 -2.50
CA ASP B 82 5.57 -6.18 -2.66
C ASP B 82 5.76 -7.54 -2.01
N SER B 83 6.62 -7.62 -0.99
CA SER B 83 6.77 -8.85 -0.20
C SER B 83 5.43 -9.48 0.15
N PHE B 84 4.52 -8.68 0.69
CA PHE B 84 3.26 -9.21 1.21
C PHE B 84 2.23 -9.44 0.11
N MET B 85 2.35 -8.75 -1.02
CA MET B 85 1.43 -8.99 -2.12
C MET B 85 1.59 -10.39 -2.69
N GLN B 86 2.79 -10.96 -2.59
CA GLN B 86 3.08 -12.27 -3.17
C GLN B 86 2.89 -13.43 -2.19
N HIS B 87 2.21 -13.22 -1.07
CA HIS B 87 1.96 -14.30 -0.13
C HIS B 87 0.55 -14.19 0.41
N ASP B 88 -0.09 -15.34 0.61
CA ASP B 88 -1.38 -15.34 1.28
C ASP B 88 -1.19 -15.14 2.78
N VAL B 89 -2.29 -14.75 3.43
CA VAL B 89 -2.28 -14.51 4.87
C VAL B 89 -1.87 -15.77 5.62
N GLN B 90 -2.32 -16.94 5.16
CA GLN B 90 -2.00 -18.18 5.85
C GLN B 90 -0.53 -18.52 5.75
N GLU B 91 0.16 -18.09 4.69
CA GLU B 91 1.61 -18.31 4.61
C GLU B 91 2.35 -17.48 5.66
N LEU B 92 1.93 -16.23 5.85
CA LEU B 92 2.57 -15.41 6.89
C LEU B 92 2.28 -15.97 8.28
N CYS B 93 1.03 -16.38 8.53
CA CYS B 93 0.69 -17.00 9.80
C CYS B 93 1.55 -18.23 10.03
N ARG B 94 1.77 -19.03 8.99
CA ARG B 94 2.60 -20.20 9.15
C ARG B 94 4.04 -19.85 9.42
N VAL B 95 4.58 -18.83 8.74
CA VAL B 95 5.93 -18.38 9.04
C VAL B 95 6.06 -18.07 10.53
N LEU B 96 5.16 -17.24 11.04
CA LEU B 96 5.20 -16.85 12.45
C LEU B 96 5.05 -18.06 13.38
N LEU B 97 4.05 -18.91 13.12
CA LEU B 97 3.76 -20.02 14.04
C LEU B 97 4.85 -21.08 13.98
N ASP B 98 5.40 -21.35 12.79
CA ASP B 98 6.53 -22.26 12.70
C ASP B 98 7.70 -21.73 13.50
N ASN B 99 8.00 -20.43 13.37
CA ASN B 99 9.11 -19.86 14.14
CA ASN B 99 9.11 -19.86 14.14
C ASN B 99 8.91 -20.06 15.63
N VAL B 100 7.74 -19.66 16.15
CA VAL B 100 7.54 -19.74 17.60
C VAL B 100 7.50 -21.18 18.07
N GLU B 101 6.76 -22.05 17.36
CA GLU B 101 6.69 -23.46 17.72
C GLU B 101 8.08 -24.07 17.81
N ASN B 102 8.92 -23.79 16.81
CA ASN B 102 10.29 -24.31 16.85
C ASN B 102 11.04 -23.75 18.04
N LYS B 103 10.85 -22.46 18.36
CA LYS B 103 11.52 -21.90 19.52
C LYS B 103 11.05 -22.55 20.82
N MET B 104 9.82 -23.06 20.85
CA MET B 104 9.26 -23.65 22.06
C MET B 104 9.68 -25.11 22.26
N LYS B 105 10.36 -25.71 21.30
CA LYS B 105 10.82 -27.08 21.44
C LYS B 105 11.72 -27.23 22.67
N GLY B 106 11.46 -28.27 23.46
CA GLY B 106 12.26 -28.53 24.64
C GLY B 106 12.02 -27.56 25.78
N THR B 107 10.94 -26.79 25.72
CA THR B 107 10.55 -25.84 26.75
C THR B 107 9.25 -26.31 27.39
N CYS B 108 8.87 -25.64 28.48
CA CYS B 108 7.63 -26.06 29.16
C CYS B 108 6.39 -25.78 28.32
N VAL B 109 6.48 -24.96 27.27
CA VAL B 109 5.35 -24.70 26.40
C VAL B 109 5.49 -25.41 25.06
N GLU B 110 6.38 -26.40 24.97
CA GLU B 110 6.47 -27.18 23.75
C GLU B 110 5.10 -27.77 23.43
N GLY B 111 4.69 -27.63 22.17
CA GLY B 111 3.43 -28.17 21.72
C GLY B 111 2.25 -27.23 21.76
N THR B 112 2.43 -25.99 22.23
CA THR B 112 1.32 -25.05 22.29
C THR B 112 0.70 -24.81 20.91
N ILE B 113 1.54 -24.70 19.88
CA ILE B 113 1.06 -24.36 18.54
C ILE B 113 0.18 -25.49 18.02
N PRO B 114 0.66 -26.75 17.96
CA PRO B 114 -0.22 -27.83 17.50
C PRO B 114 -1.48 -28.00 18.34
N LYS B 115 -1.35 -27.84 19.65
CA LYS B 115 -2.50 -27.96 20.54
C LYS B 115 -3.56 -26.92 20.19
N LEU B 116 -3.13 -25.72 19.79
CA LEU B 116 -4.10 -24.66 19.54
C LEU B 116 -4.68 -24.74 18.14
N PHE B 117 -3.84 -24.99 17.12
CA PHE B 117 -4.21 -24.74 15.73
C PHE B 117 -4.24 -25.97 14.84
N ARG B 118 -3.82 -27.13 15.31
CA ARG B 118 -3.64 -28.28 14.44
C ARG B 118 -4.79 -29.27 14.61
N GLY B 119 -5.56 -29.46 13.54
CA GLY B 119 -6.59 -30.47 13.47
C GLY B 119 -6.18 -31.61 12.54
N LYS B 120 -7.05 -32.62 12.49
CA LYS B 120 -6.73 -33.83 11.76
C LYS B 120 -7.90 -34.21 10.86
N MET B 121 -7.60 -34.55 9.61
CA MET B 121 -8.60 -35.12 8.73
C MET B 121 -8.11 -36.46 8.20
N VAL B 122 -9.04 -37.25 7.68
CA VAL B 122 -8.73 -38.49 6.98
C VAL B 122 -8.98 -38.26 5.50
N SER B 123 -8.07 -38.78 4.66
CA SER B 123 -8.24 -38.73 3.22
C SER B 123 -8.36 -40.18 2.75
N TYR B 124 -9.49 -40.50 2.13
CA TYR B 124 -9.80 -41.85 1.72
C TYR B 124 -9.92 -41.95 0.21
N ILE B 125 -9.52 -43.09 -0.31
CA ILE B 125 -9.74 -43.47 -1.70
C ILE B 125 -10.43 -44.82 -1.69
N GLN B 126 -11.67 -44.86 -2.16
CA GLN B 126 -12.49 -46.07 -2.16
C GLN B 126 -12.72 -46.52 -3.59
N CYS B 127 -12.36 -47.77 -3.88
CA CYS B 127 -12.53 -48.32 -5.22
C CYS B 127 -13.98 -48.73 -5.44
N LYS B 128 -14.49 -48.48 -6.65
CA LYS B 128 -15.87 -48.84 -6.93
C LYS B 128 -16.00 -50.33 -7.27
N GLU B 129 -15.18 -50.83 -8.20
CA GLU B 129 -15.40 -52.15 -8.76
C GLU B 129 -14.59 -53.25 -8.10
N VAL B 130 -13.68 -52.91 -7.19
CA VAL B 130 -12.89 -53.88 -6.45
C VAL B 130 -12.93 -53.49 -4.98
N ASP B 131 -12.42 -54.37 -4.11
CA ASP B 131 -12.48 -54.14 -2.67
C ASP B 131 -11.11 -53.62 -2.20
N TYR B 132 -10.96 -52.30 -2.23
CA TYR B 132 -9.77 -51.67 -1.69
C TYR B 132 -10.13 -50.27 -1.23
N ARG B 133 -9.71 -49.92 -0.02
CA ARG B 133 -9.89 -48.59 0.53
C ARG B 133 -8.59 -48.16 1.17
N SER B 134 -8.17 -46.94 0.89
CA SER B 134 -6.95 -46.38 1.49
C SER B 134 -7.35 -45.20 2.35
N ASP B 135 -7.03 -45.26 3.64
CA ASP B 135 -7.27 -44.21 4.61
C ASP B 135 -5.94 -43.66 5.10
N ARG B 136 -5.75 -42.35 5.01
CA ARG B 136 -4.50 -41.73 5.47
C ARG B 136 -4.81 -40.42 6.17
N ARG B 137 -4.28 -40.25 7.37
CA ARG B 137 -4.50 -39.03 8.13
C ARG B 137 -3.59 -37.93 7.64
N GLU B 138 -4.17 -36.74 7.44
CA GLU B 138 -3.43 -35.51 7.17
C GLU B 138 -3.69 -34.51 8.29
N ASP B 139 -2.68 -33.71 8.59
CA ASP B 139 -2.83 -32.64 9.57
C ASP B 139 -3.02 -31.31 8.88
N TYR B 140 -3.60 -30.36 9.61
CA TYR B 140 -3.80 -29.03 9.04
C TYR B 140 -3.80 -27.99 10.15
N TYR B 141 -3.31 -26.80 9.80
CA TYR B 141 -3.38 -25.62 10.65
C TYR B 141 -4.40 -24.60 10.18
N ASP B 142 -4.83 -24.67 8.92
CA ASP B 142 -5.79 -23.73 8.37
C ASP B 142 -6.62 -24.48 7.32
N ILE B 143 -7.77 -23.93 6.98
CA ILE B 143 -8.62 -24.50 5.93
C ILE B 143 -8.98 -23.43 4.92
N GLN B 144 -8.83 -23.74 3.64
CA GLN B 144 -9.21 -22.84 2.55
C GLN B 144 -10.57 -23.28 2.00
N LEU B 145 -11.57 -22.41 2.15
CA LEU B 145 -12.95 -22.72 1.79
C LEU B 145 -13.31 -22.02 0.48
N SER B 146 -13.82 -22.78 -0.47
CA SER B 146 -14.30 -22.21 -1.72
C SER B 146 -15.61 -21.47 -1.50
N ILE B 147 -15.74 -20.26 -2.04
CA ILE B 147 -16.95 -19.48 -1.88
C ILE B 147 -17.73 -19.29 -3.18
N LYS B 148 -17.06 -19.33 -4.34
CA LYS B 148 -17.76 -19.08 -5.59
C LYS B 148 -18.89 -20.08 -5.78
N GLY B 149 -20.12 -19.57 -5.84
CA GLY B 149 -21.28 -20.44 -5.95
C GLY B 149 -21.71 -21.09 -4.66
N LYS B 150 -21.17 -20.65 -3.53
CA LYS B 150 -21.60 -21.15 -2.23
C LYS B 150 -22.35 -20.05 -1.51
N LYS B 151 -23.48 -20.42 -0.91
CA LYS B 151 -24.30 -19.45 -0.18
C LYS B 151 -23.66 -19.05 1.14
N ASN B 152 -22.99 -19.98 1.82
CA ASN B 152 -22.53 -19.73 3.17
C ASN B 152 -21.44 -20.73 3.56
N ILE B 153 -20.99 -20.60 4.82
CA ILE B 153 -19.95 -21.48 5.35
C ILE B 153 -20.40 -22.93 5.30
N PHE B 154 -21.67 -23.18 5.62
CA PHE B 154 -22.17 -24.56 5.64
C PHE B 154 -22.00 -25.21 4.26
N GLU B 155 -22.44 -24.52 3.21
CA GLU B 155 -22.27 -25.05 1.86
C GLU B 155 -20.81 -25.19 1.49
N SER B 156 -19.94 -24.31 2.01
CA SER B 156 -18.51 -24.45 1.73
C SER B 156 -17.97 -25.73 2.35
N PHE B 157 -18.34 -26.01 3.61
CA PHE B 157 -17.89 -27.24 4.24
C PHE B 157 -18.46 -28.45 3.51
N VAL B 158 -19.72 -28.39 3.10
CA VAL B 158 -20.31 -29.49 2.33
C VAL B 158 -19.53 -29.73 1.04
N ASP B 159 -19.15 -28.64 0.36
CA ASP B 159 -18.31 -28.80 -0.83
C ASP B 159 -16.97 -29.42 -0.47
N TYR B 160 -16.43 -29.05 0.69
CA TYR B 160 -15.09 -29.49 1.06
C TYR B 160 -15.03 -30.99 1.32
N VAL B 161 -16.11 -31.58 1.84
CA VAL B 161 -16.10 -33.01 2.15
C VAL B 161 -16.74 -33.81 1.02
N ALA B 162 -17.07 -33.16 -0.09
CA ALA B 162 -17.77 -33.83 -1.17
C ALA B 162 -16.89 -34.87 -1.85
N VAL B 163 -17.51 -35.94 -2.32
CA VAL B 163 -16.80 -37.03 -2.97
C VAL B 163 -16.41 -36.62 -4.39
N GLU B 164 -15.21 -37.00 -4.80
CA GLU B 164 -14.68 -36.70 -6.13
C GLU B 164 -14.46 -38.02 -6.88
N GLN B 165 -14.89 -38.08 -8.12
CA GLN B 165 -14.79 -39.31 -8.90
C GLN B 165 -13.44 -39.39 -9.59
N LEU B 166 -12.77 -40.52 -9.44
CA LEU B 166 -11.53 -40.86 -10.14
C LEU B 166 -11.92 -41.90 -11.18
N ASP B 167 -12.08 -41.46 -12.42
CA ASP B 167 -12.63 -42.28 -13.49
C ASP B 167 -11.89 -41.94 -14.77
N GLY B 168 -12.29 -42.62 -15.86
CA GLY B 168 -11.75 -42.27 -17.17
C GLY B 168 -10.24 -42.38 -17.19
N ASP B 169 -9.59 -41.29 -17.56
CA ASP B 169 -8.14 -41.26 -17.68
C ASP B 169 -7.45 -40.72 -16.44
N ASN B 170 -8.18 -40.57 -15.33
CA ASN B 170 -7.57 -40.31 -14.03
C ASN B 170 -7.99 -41.38 -13.04
N LYS B 171 -8.00 -42.64 -13.50
CA LYS B 171 -8.24 -43.76 -12.62
C LYS B 171 -7.15 -43.84 -11.55
N TYR B 172 -7.48 -44.50 -10.46
CA TYR B 172 -6.59 -44.59 -9.31
C TYR B 172 -5.74 -45.86 -9.41
N ASP B 173 -4.42 -45.68 -9.31
CA ASP B 173 -3.45 -46.81 -9.39
C ASP B 173 -3.36 -47.49 -8.02
N ALA B 174 -4.37 -48.29 -7.66
CA ALA B 174 -4.38 -49.00 -6.36
C ALA B 174 -3.24 -49.95 -6.75
N GLY B 175 -2.95 -50.93 -5.90
CA GLY B 175 -1.68 -51.64 -5.63
C GLY B 175 -1.67 -53.02 -6.27
N GLU B 176 -2.80 -53.70 -6.29
CA GLU B 176 -2.91 -55.05 -6.90
C GLU B 176 -3.98 -55.04 -7.99
N HIS B 177 -5.22 -54.65 -7.63
CA HIS B 177 -6.31 -54.59 -8.57
C HIS B 177 -5.97 -53.78 -9.82
N GLY B 178 -4.77 -53.21 -9.92
CA GLY B 178 -4.44 -52.43 -11.11
C GLY B 178 -5.11 -51.06 -11.11
N LEU B 179 -5.12 -50.40 -12.27
CA LEU B 179 -5.84 -49.13 -12.40
C LEU B 179 -7.33 -49.35 -12.20
N GLN B 180 -7.95 -48.53 -11.35
CA GLN B 180 -9.33 -48.75 -10.95
C GLN B 180 -10.10 -47.43 -10.95
N GLU B 181 -11.39 -47.52 -11.19
CA GLU B 181 -12.30 -46.41 -10.98
C GLU B 181 -12.67 -46.34 -9.50
N ALA B 182 -12.44 -45.18 -8.89
CA ALA B 182 -12.58 -45.03 -7.44
C ALA B 182 -13.21 -43.69 -7.14
N GLU B 183 -13.42 -43.40 -5.85
CA GLU B 183 -13.83 -42.06 -5.42
C GLU B 183 -13.05 -41.64 -4.18
N LYS B 184 -12.61 -40.39 -4.18
CA LYS B 184 -11.76 -39.83 -3.13
C LYS B 184 -12.54 -38.77 -2.37
N GLY B 185 -12.19 -38.60 -1.10
CA GLY B 185 -12.79 -37.55 -0.30
C GLY B 185 -12.05 -37.38 1.01
N VAL B 186 -12.47 -36.38 1.77
CA VAL B 186 -11.93 -36.15 3.10
C VAL B 186 -13.08 -35.99 4.08
N LYS B 187 -12.85 -36.46 5.29
CA LYS B 187 -13.68 -36.13 6.44
C LYS B 187 -12.77 -35.60 7.53
N PHE B 188 -13.28 -34.67 8.32
CA PHE B 188 -12.52 -34.16 9.45
C PHE B 188 -12.54 -35.18 10.58
N LEU B 189 -11.36 -35.51 11.11
CA LEU B 189 -11.31 -36.35 12.29
C LEU B 189 -11.43 -35.51 13.55
N THR B 190 -10.63 -34.44 13.65
CA THR B 190 -10.71 -33.47 14.73
C THR B 190 -10.61 -32.05 14.16
N LEU B 191 -11.25 -31.13 14.89
CA LEU B 191 -11.25 -29.70 14.68
C LEU B 191 -10.54 -29.02 15.84
N PRO B 192 -9.55 -28.15 15.59
CA PRO B 192 -8.71 -27.61 16.68
C PRO B 192 -9.49 -26.63 17.53
N PRO B 193 -8.96 -26.27 18.71
CA PRO B 193 -9.63 -25.23 19.50
C PRO B 193 -9.72 -23.88 18.79
N VAL B 194 -8.74 -23.55 17.97
CA VAL B 194 -8.72 -22.30 17.21
C VAL B 194 -8.70 -22.65 15.72
N LEU B 195 -9.74 -22.26 15.01
CA LEU B 195 -9.96 -22.65 13.63
C LEU B 195 -9.74 -21.44 12.74
N HIS B 196 -8.68 -21.50 11.92
CA HIS B 196 -8.36 -20.48 10.93
C HIS B 196 -8.95 -20.88 9.58
N LEU B 197 -9.88 -20.07 9.07
CA LEU B 197 -10.58 -20.33 7.83
C LEU B 197 -10.27 -19.19 6.86
N GLN B 198 -9.51 -19.48 5.81
CA GLN B 198 -9.36 -18.52 4.72
C GLN B 198 -10.40 -18.81 3.66
N LEU B 199 -11.00 -17.74 3.13
CA LEU B 199 -11.99 -17.86 2.06
C LEU B 199 -11.31 -17.57 0.73
N MET B 200 -11.59 -18.41 -0.27
CA MET B 200 -10.99 -18.28 -1.59
C MET B 200 -11.69 -17.14 -2.31
N ARG B 201 -11.18 -15.93 -2.03
CA ARG B 201 -11.73 -14.69 -2.56
C ARG B 201 -11.02 -14.23 -3.84
N PHE B 202 -9.93 -14.86 -4.24
CA PHE B 202 -9.38 -14.64 -5.57
C PHE B 202 -9.44 -15.93 -6.38
N MET B 203 -9.50 -15.74 -7.71
CA MET B 203 -9.54 -16.86 -8.64
C MET B 203 -8.94 -16.43 -9.97
N TYR B 204 -8.48 -17.40 -10.75
CA TYR B 204 -8.07 -17.13 -12.12
C TYR B 204 -9.30 -16.90 -12.99
N ASP B 205 -9.37 -15.74 -13.63
CA ASP B 205 -10.47 -15.43 -14.53
C ASP B 205 -10.07 -15.79 -15.96
N PRO B 206 -10.76 -16.71 -16.63
CA PRO B 206 -10.44 -16.99 -18.04
C PRO B 206 -10.67 -15.79 -18.97
N GLN B 207 -11.65 -14.94 -18.68
CA GLN B 207 -11.93 -13.80 -19.57
C GLN B 207 -10.74 -12.87 -19.70
N THR B 208 -9.91 -12.79 -18.66
CA THR B 208 -8.61 -12.14 -18.75
C THR B 208 -7.53 -13.20 -18.54
N ASP B 209 -6.39 -12.83 -17.97
CA ASP B 209 -5.45 -13.84 -17.51
C ASP B 209 -4.72 -13.32 -16.28
N GLN B 210 -5.48 -12.79 -15.33
CA GLN B 210 -4.99 -12.37 -14.03
C GLN B 210 -5.80 -13.09 -12.96
N ASN B 211 -5.34 -12.97 -11.72
CA ASN B 211 -6.20 -13.27 -10.60
C ASN B 211 -7.14 -12.11 -10.38
N ILE B 212 -8.41 -12.41 -10.11
CA ILE B 212 -9.44 -11.41 -9.86
C ILE B 212 -10.09 -11.72 -8.52
N LYS B 213 -10.66 -10.69 -7.91
CA LYS B 213 -11.26 -10.79 -6.59
C LYS B 213 -12.76 -11.08 -6.72
N ILE B 214 -13.20 -12.17 -6.10
CA ILE B 214 -14.61 -12.52 -6.04
C ILE B 214 -15.24 -11.69 -4.92
N ASN B 215 -16.11 -10.76 -5.29
CA ASN B 215 -16.81 -9.94 -4.32
C ASN B 215 -18.23 -10.45 -4.05
N ASP B 216 -18.49 -11.71 -4.40
CA ASP B 216 -19.81 -12.27 -4.19
C ASP B 216 -20.16 -12.32 -2.71
N ARG B 217 -21.45 -12.19 -2.43
CA ARG B 217 -21.97 -12.40 -1.09
C ARG B 217 -21.63 -13.81 -0.58
N PHE B 218 -21.22 -13.88 0.69
CA PHE B 218 -20.93 -15.15 1.34
C PHE B 218 -21.20 -15.00 2.83
N GLU B 219 -22.14 -15.79 3.33
CA GLU B 219 -22.63 -15.65 4.70
C GLU B 219 -21.84 -16.53 5.65
N PHE B 220 -21.52 -15.98 6.82
CA PHE B 220 -20.93 -16.78 7.87
C PHE B 220 -21.62 -16.46 9.20
N PRO B 221 -21.85 -17.46 10.03
CA PRO B 221 -22.64 -17.24 11.25
C PRO B 221 -21.79 -16.88 12.46
N GLU B 222 -22.46 -16.29 13.45
CA GLU B 222 -21.81 -16.01 14.73
C GLU B 222 -21.49 -17.30 15.45
N GLN B 223 -22.39 -18.28 15.36
CA GLN B 223 -22.18 -19.60 15.95
C GLN B 223 -22.22 -20.63 14.83
N LEU B 224 -21.21 -21.48 14.80
CA LEU B 224 -21.00 -22.42 13.70
C LEU B 224 -20.98 -23.84 14.25
N PRO B 225 -22.02 -24.65 13.98
CA PRO B 225 -21.95 -26.07 14.36
C PRO B 225 -21.29 -26.89 13.27
N LEU B 226 -20.28 -27.69 13.62
CA LEU B 226 -19.52 -28.44 12.63
C LEU B 226 -19.55 -29.95 12.88
N ASP B 227 -20.42 -30.42 13.79
CA ASP B 227 -20.49 -31.85 14.09
C ASP B 227 -20.68 -32.69 12.83
N GLU B 228 -21.58 -32.29 11.94
CA GLU B 228 -21.90 -33.21 10.85
C GLU B 228 -20.78 -33.34 9.84
N PHE B 229 -19.68 -32.61 10.01
CA PHE B 229 -18.54 -32.76 9.11
C PHE B 229 -17.43 -33.60 9.72
N LEU B 230 -17.61 -34.04 10.96
CA LEU B 230 -16.67 -34.97 11.58
C LEU B 230 -16.89 -36.41 11.10
N GLN B 231 -15.81 -37.19 11.13
CA GLN B 231 -15.94 -38.63 10.87
C GLN B 231 -16.84 -39.29 11.90
N LYS B 232 -16.67 -38.92 13.17
CA LYS B 232 -17.46 -39.45 14.28
C LYS B 232 -17.56 -38.32 15.29
N THR B 233 -18.77 -38.04 15.75
CA THR B 233 -18.95 -36.96 16.72
C THR B 233 -18.72 -37.46 18.13
N ASP B 234 -18.70 -36.51 19.06
CA ASP B 234 -18.54 -36.78 20.49
C ASP B 234 -19.74 -36.21 21.22
N PRO B 235 -20.66 -37.04 21.69
CA PRO B 235 -21.90 -36.52 22.31
C PRO B 235 -21.69 -35.62 23.51
N LYS B 236 -20.54 -35.67 24.17
CA LYS B 236 -20.34 -34.77 25.30
C LYS B 236 -19.62 -33.47 24.92
N ASP B 237 -19.10 -33.37 23.69
CA ASP B 237 -18.38 -32.18 23.24
C ASP B 237 -18.63 -31.99 21.75
N PRO B 238 -19.78 -31.43 21.38
CA PRO B 238 -20.06 -31.19 19.97
C PRO B 238 -19.22 -30.05 19.43
N ALA B 239 -18.96 -30.10 18.12
CA ALA B 239 -18.09 -29.12 17.46
C ALA B 239 -18.84 -27.81 17.19
N ASN B 240 -19.11 -27.10 18.28
CA ASN B 240 -19.75 -25.78 18.23
C ASN B 240 -18.68 -24.70 18.37
N TYR B 241 -18.59 -23.80 17.39
CA TYR B 241 -17.59 -22.77 17.38
C TYR B 241 -18.22 -21.39 17.46
N ILE B 242 -17.49 -20.46 18.05
CA ILE B 242 -17.90 -19.07 18.21
C ILE B 242 -16.99 -18.19 17.37
N LEU B 243 -17.58 -17.20 16.68
CA LEU B 243 -16.80 -16.32 15.82
C LEU B 243 -15.97 -15.37 16.68
N HIS B 244 -14.65 -15.40 16.49
CA HIS B 244 -13.73 -14.50 17.18
C HIS B 244 -13.19 -13.38 16.30
N ALA B 245 -12.81 -13.68 15.05
CA ALA B 245 -12.19 -12.65 14.21
C ALA B 245 -12.70 -12.70 12.78
N VAL B 246 -12.78 -11.51 12.17
CA VAL B 246 -13.20 -11.34 10.77
C VAL B 246 -12.19 -10.41 10.10
N LEU B 247 -11.25 -10.98 9.35
CA LEU B 247 -10.27 -10.22 8.60
C LEU B 247 -10.85 -9.87 7.24
N VAL B 248 -10.91 -8.56 6.94
CA VAL B 248 -11.71 -7.98 5.87
C VAL B 248 -10.81 -7.19 4.92
N HIS B 249 -11.13 -7.30 3.62
CA HIS B 249 -10.50 -6.53 2.56
C HIS B 249 -11.57 -5.80 1.77
N SER B 250 -11.33 -4.52 1.49
CA SER B 250 -12.25 -3.72 0.69
C SER B 250 -11.49 -3.13 -0.49
N GLY B 251 -11.93 -3.46 -1.70
CA GLY B 251 -11.33 -2.98 -2.92
C GLY B 251 -11.27 -4.11 -3.93
N ASP B 252 -10.31 -3.97 -4.84
CA ASP B 252 -10.09 -4.94 -5.92
C ASP B 252 -8.65 -5.42 -6.00
N ASN B 253 -7.74 -4.82 -5.26
CA ASN B 253 -6.30 -5.00 -5.46
C ASN B 253 -5.59 -4.86 -4.12
N HIS B 254 -4.31 -5.21 -4.14
CA HIS B 254 -3.51 -5.15 -2.91
C HIS B 254 -3.27 -3.74 -2.42
N GLY B 255 -3.71 -2.72 -3.15
CA GLY B 255 -3.81 -1.37 -2.65
C GLY B 255 -5.10 -1.07 -1.93
N GLY B 256 -5.99 -2.06 -1.83
CA GLY B 256 -7.22 -1.91 -1.08
C GLY B 256 -6.98 -1.77 0.42
N HIS B 257 -8.08 -1.76 1.16
CA HIS B 257 -8.07 -1.44 2.58
C HIS B 257 -8.25 -2.71 3.41
N TYR B 258 -7.26 -3.01 4.25
CA TYR B 258 -7.27 -4.17 5.13
C TYR B 258 -7.62 -3.76 6.55
N VAL B 259 -8.64 -4.42 7.13
CA VAL B 259 -9.01 -4.18 8.52
C VAL B 259 -9.32 -5.53 9.16
N VAL B 260 -9.40 -5.54 10.48
CA VAL B 260 -9.88 -6.73 11.18
C VAL B 260 -10.92 -6.34 12.22
N TYR B 261 -11.96 -7.16 12.35
CA TYR B 261 -12.91 -7.05 13.43
C TYR B 261 -12.69 -8.17 14.42
N LEU B 262 -12.67 -7.85 15.70
CA LEU B 262 -12.51 -8.83 16.76
C LEU B 262 -13.52 -8.57 17.86
N ASN B 263 -14.02 -9.63 18.49
CA ASN B 263 -14.54 -9.49 19.84
C ASN B 263 -13.54 -10.22 20.73
N PRO B 264 -12.52 -9.52 21.23
CA PRO B 264 -11.37 -10.19 21.85
C PRO B 264 -11.69 -11.10 23.01
N LYS B 265 -12.71 -10.77 23.82
CA LYS B 265 -13.03 -11.55 25.00
C LYS B 265 -14.07 -12.64 24.74
N GLY B 266 -14.47 -12.85 23.48
CA GLY B 266 -15.51 -13.82 23.20
C GLY B 266 -16.86 -13.46 23.75
N ASP B 267 -17.09 -12.19 24.07
CA ASP B 267 -18.33 -11.75 24.71
C ASP B 267 -19.26 -11.00 23.78
N GLY B 268 -19.00 -11.02 22.47
CA GLY B 268 -19.86 -10.34 21.53
C GLY B 268 -19.74 -8.84 21.50
N LYS B 269 -18.77 -8.27 22.21
CA LYS B 269 -18.47 -6.83 22.15
C LYS B 269 -17.36 -6.62 21.13
N TRP B 270 -17.72 -6.07 19.97
CA TRP B 270 -16.85 -6.08 18.80
C TRP B 270 -16.15 -4.74 18.61
N CYS B 271 -14.89 -4.82 18.15
CA CYS B 271 -14.09 -3.66 17.81
C CYS B 271 -13.49 -3.84 16.41
N LYS B 272 -13.32 -2.70 15.73
CA LYS B 272 -12.70 -2.59 14.43
C LYS B 272 -11.28 -2.08 14.61
N PHE B 273 -10.31 -2.80 14.06
CA PHE B 273 -8.89 -2.49 14.13
C PHE B 273 -8.46 -2.10 12.73
N ASP B 274 -8.25 -0.80 12.54
CA ASP B 274 -7.84 -0.19 11.29
C ASP B 274 -6.49 0.46 11.55
N ASP B 275 -5.44 -0.35 11.54
CA ASP B 275 -4.06 0.15 11.79
C ASP B 275 -4.23 0.86 13.16
N ASP B 276 -3.81 2.19 13.12
CA ASP B 276 -3.69 2.91 14.38
C ASP B 276 -5.06 3.27 15.03
N VAL B 277 -6.18 3.08 14.33
CA VAL B 277 -7.48 3.45 14.84
C VAL B 277 -8.19 2.19 15.33
N VAL B 278 -8.59 2.18 16.59
CA VAL B 278 -9.30 1.06 17.17
C VAL B 278 -10.62 1.58 17.71
N SER B 279 -11.71 1.15 17.11
CA SER B 279 -13.01 1.75 17.36
C SER B 279 -14.02 0.66 17.67
N ARG B 280 -14.76 0.86 18.76
CA ARG B 280 -15.85 -0.09 19.13
C ARG B 280 -16.87 -0.04 18.00
N CYS B 281 -17.56 -1.15 17.72
CA CYS B 281 -18.51 -1.18 16.61
C CYS B 281 -19.63 -2.19 16.88
N THR B 282 -20.67 -2.11 16.05
CA THR B 282 -21.80 -3.02 16.17
C THR B 282 -21.45 -4.44 15.72
N LYS B 283 -22.24 -5.39 16.19
CA LYS B 283 -22.09 -6.78 15.74
C LYS B 283 -22.42 -6.91 14.25
N GLU B 284 -23.41 -6.15 13.78
CA GLU B 284 -23.78 -6.21 12.36
C GLU B 284 -22.66 -5.71 11.47
N GLU B 285 -21.87 -4.74 11.94
CA GLU B 285 -20.78 -4.21 11.14
C GLU B 285 -19.61 -5.17 11.06
N ALA B 286 -19.38 -5.95 12.12
CA ALA B 286 -18.35 -6.97 12.07
C ALA B 286 -18.78 -8.16 11.21
N ILE B 287 -20.05 -8.56 11.31
CA ILE B 287 -20.52 -9.80 10.71
C ILE B 287 -21.26 -9.62 9.39
N GLU B 288 -22.54 -9.26 9.44
CA GLU B 288 -23.35 -9.28 8.22
C GLU B 288 -22.85 -8.29 7.17
N HIS B 289 -22.40 -7.11 7.61
CA HIS B 289 -21.90 -6.10 6.67
C HIS B 289 -20.65 -6.52 5.92
N ASN B 290 -19.99 -7.60 6.31
CA ASN B 290 -18.82 -8.11 5.61
C ASN B 290 -19.13 -9.36 4.79
N TYR B 291 -20.41 -9.61 4.50
CA TYR B 291 -20.78 -10.76 3.68
C TYR B 291 -20.49 -10.53 2.21
N GLY B 292 -20.36 -9.27 1.79
CA GLY B 292 -20.18 -8.95 0.38
C GLY B 292 -21.49 -8.93 -0.38
N GLY B 293 -21.43 -8.42 -1.61
CA GLY B 293 -22.59 -8.39 -2.48
C GLY B 293 -22.74 -7.07 -3.20
N HIS B 294 -23.64 -7.08 -4.18
CA HIS B 294 -23.77 -5.98 -5.13
C HIS B 294 -25.20 -5.46 -5.23
N HIS B 302 -20.78 -2.54 -0.62
CA HIS B 302 -19.50 -2.30 -1.26
C HIS B 302 -18.80 -3.61 -1.61
N CYS B 303 -17.62 -3.52 -2.24
CA CYS B 303 -16.74 -4.67 -2.42
C CYS B 303 -15.88 -4.93 -1.18
N THR B 304 -16.47 -4.71 -0.01
CA THR B 304 -15.86 -4.93 1.29
C THR B 304 -16.33 -6.28 1.83
N ASN B 305 -15.40 -7.16 2.15
CA ASN B 305 -15.86 -8.46 2.61
C ASN B 305 -14.78 -9.21 3.37
N ALA B 306 -15.23 -10.25 4.08
CA ALA B 306 -14.35 -11.14 4.82
C ALA B 306 -13.55 -12.01 3.86
N TYR B 307 -12.25 -12.09 4.10
CA TYR B 307 -11.43 -13.13 3.49
C TYR B 307 -10.91 -14.12 4.50
N MET B 308 -10.99 -13.82 5.81
CA MET B 308 -10.53 -14.80 6.79
C MET B 308 -11.38 -14.72 8.04
N LEU B 309 -11.69 -15.88 8.60
CA LEU B 309 -12.46 -16.00 9.83
C LEU B 309 -11.70 -16.83 10.84
N VAL B 310 -11.71 -16.38 12.09
CA VAL B 310 -11.17 -17.15 13.20
C VAL B 310 -12.33 -17.55 14.09
N TYR B 311 -12.51 -18.86 14.26
CA TYR B 311 -13.49 -19.43 15.19
C TYR B 311 -12.79 -20.07 16.37
N ILE B 312 -13.42 -20.04 17.53
CA ILE B 312 -12.93 -20.72 18.72
C ILE B 312 -14.00 -21.67 19.22
N ARG B 313 -13.60 -22.92 19.50
CA ARG B 313 -14.50 -23.88 20.10
C ARG B 313 -15.11 -23.30 21.36
N GLU B 314 -16.45 -23.33 21.43
CA GLU B 314 -17.17 -22.81 22.58
C GLU B 314 -16.57 -23.30 23.90
N SER B 315 -16.43 -24.61 24.03
CA SER B 315 -15.96 -25.21 25.27
C SER B 315 -14.56 -24.75 25.63
N LYS B 316 -13.75 -24.41 24.62
CA LYS B 316 -12.36 -23.98 24.82
C LYS B 316 -12.26 -22.48 24.99
N LEU B 317 -13.36 -21.76 24.77
CA LEU B 317 -13.35 -20.31 24.76
C LEU B 317 -12.60 -19.73 25.96
N SER B 318 -13.16 -19.95 27.16
CA SER B 318 -12.61 -19.33 28.37
CA SER B 318 -12.61 -19.35 28.38
C SER B 318 -11.14 -19.66 28.55
N GLU B 319 -10.68 -20.82 28.06
CA GLU B 319 -9.27 -21.14 28.17
C GLU B 319 -8.42 -20.38 27.14
N VAL B 320 -8.85 -20.40 25.86
CA VAL B 320 -8.06 -19.75 24.83
C VAL B 320 -7.96 -18.26 25.14
N LEU B 321 -9.03 -17.68 25.67
CA LEU B 321 -9.08 -16.26 26.03
C LEU B 321 -8.85 -16.05 27.53
N GLN B 322 -8.08 -16.92 28.17
CA GLN B 322 -7.68 -16.71 29.55
C GLN B 322 -7.00 -15.35 29.71
N ALA B 323 -7.23 -14.72 30.85
CA ALA B 323 -6.67 -13.39 31.06
C ALA B 323 -5.14 -13.43 31.03
N VAL B 324 -4.54 -12.33 30.59
CA VAL B 324 -3.11 -12.15 30.59
C VAL B 324 -2.79 -10.90 31.36
N THR B 325 -1.91 -11.01 32.35
CA THR B 325 -1.52 -9.89 33.19
C THR B 325 -0.08 -9.50 32.91
N ASP B 326 0.31 -8.36 33.49
CA ASP B 326 1.70 -7.93 33.39
C ASP B 326 2.65 -8.94 34.03
N HIS B 327 2.15 -9.67 35.04
CA HIS B 327 2.99 -10.68 35.69
C HIS B 327 3.39 -11.78 34.73
N ASP B 328 2.53 -12.07 33.75
CA ASP B 328 2.78 -13.20 32.87
C ASP B 328 4.00 -13.00 31.97
N ILE B 329 4.48 -11.77 31.84
CA ILE B 329 5.65 -11.47 31.02
C ILE B 329 6.89 -11.60 31.91
N PRO B 330 7.78 -12.56 31.66
CA PRO B 330 8.93 -12.76 32.54
C PRO B 330 9.75 -11.49 32.68
N GLN B 331 10.40 -11.37 33.84
CA GLN B 331 11.11 -10.12 34.14
C GLN B 331 12.30 -9.93 33.23
N GLN B 332 12.98 -11.01 32.83
CA GLN B 332 14.14 -10.87 31.95
C GLN B 332 13.74 -10.26 30.61
N LEU B 333 12.61 -10.71 30.05
CA LEU B 333 12.14 -10.16 28.79
C LEU B 333 11.72 -8.70 28.94
N VAL B 334 11.02 -8.38 30.03
CA VAL B 334 10.62 -7.00 30.27
C VAL B 334 11.85 -6.11 30.34
N GLU B 335 12.86 -6.55 31.09
CA GLU B 335 14.07 -5.75 31.24
C GLU B 335 14.78 -5.58 29.91
N ARG B 336 14.81 -6.62 29.09
CA ARG B 336 15.45 -6.51 27.79
C ARG B 336 14.75 -5.47 26.92
N LEU B 337 13.42 -5.51 26.87
CA LEU B 337 12.71 -4.55 26.02
C LEU B 337 12.78 -3.13 26.58
N GLN B 338 12.74 -3.00 27.91
CA GLN B 338 12.91 -1.69 28.54
C GLN B 338 14.26 -1.09 28.18
N GLU B 339 15.33 -1.87 28.35
CA GLU B 339 16.67 -1.41 27.96
C GLU B 339 16.73 -1.09 26.47
N GLU B 340 16.00 -1.86 25.65
CA GLU B 340 15.94 -1.58 24.22
C GLU B 340 15.40 -0.19 23.95
N LYS B 341 14.34 0.20 24.67
CA LYS B 341 13.78 1.53 24.43
C LYS B 341 14.53 2.61 25.18
N ARG B 342 15.28 2.25 26.21
CA ARG B 342 16.22 3.19 26.83
C ARG B 342 17.32 3.57 25.84
N ILE B 343 17.89 2.58 25.17
CA ILE B 343 18.93 2.84 24.19
C ILE B 343 18.43 3.77 23.09
N GLU B 344 17.13 3.70 22.78
CA GLU B 344 16.53 4.61 21.83
C GLU B 344 16.43 6.03 22.42
N ALA B 345 17.57 6.57 22.85
CA ALA B 345 17.63 7.92 23.43
C ALA B 345 19.08 8.36 23.59
C10 EZF C . 8.29 19.53 1.54
C13 EZF C . 0.85 10.89 2.66
C15 EZF C . 0.37 11.55 4.98
C17 EZF C . -0.09 13.09 3.13
C20 EZF C . 3.54 14.22 0.48
C21 EZF C . 2.13 13.90 1.00
C24 EZF C . 2.85 13.46 -1.75
C26 EZF C . 3.57 14.46 -0.98
C28 EZF C . 7.20 20.31 1.78
C01 EZF C . 1.75 9.92 7.85
C05 EZF C . 11.10 22.19 1.36
C06 EZF C . 7.35 21.72 1.87
C07 EZF C . 8.63 22.32 1.74
C08 EZF C . 9.71 21.53 1.52
C09 EZF C . 9.56 20.11 1.40
C12 EZF C . 0.35 11.27 6.49
C14 EZF C . 0.83 10.60 4.06
C16 EZF C . -0.09 12.80 4.50
C18 EZF C . 0.39 12.13 2.19
C19 EZF C . 0.40 12.48 0.66
C23 EZF C . 1.47 13.13 -1.17
C27 EZF C . 2.94 15.95 -1.29
C30 EZF C . 4.94 17.30 -0.94
C31 EZF C . 5.03 20.60 4.08
C34 EZF C . 3.27 17.42 0.67
C36 EZF C . 4.04 18.34 1.42
C37 EZF C . 5.28 18.70 0.93
C38 EZF C . 5.81 19.65 1.92
N04 EZF C . 11.22 22.68 0.00
N22 EZF C . 1.53 12.80 0.25
N29 EZF C . 3.75 16.94 -0.50
N32 EZF C . 5.73 18.17 -0.27
N35 EZF C . 3.84 19.00 2.60
N39 EZF C . 4.91 19.76 2.87
O02 EZF C . 0.63 9.97 7.00
O03 EZF C . 0.11 12.17 7.24
O25 EZF C . 4.90 14.43 -1.40
O33 EZF C . 2.18 17.08 1.09
CL1 EZF C . -0.68 14.69 2.54
C10 EZF D . -4.51 -20.32 -1.53
C13 EZF D . -5.97 -8.91 -2.32
C15 EZF D . -6.74 -9.04 -4.63
C17 EZF D . -7.97 -10.16 -2.83
C20 EZF D . -5.44 -13.17 -0.31
C21 EZF D . -6.46 -12.10 -0.76
C24 EZF D . -5.48 -12.24 1.94
C26 EZF D . -5.52 -13.46 1.13
C28 EZF D . -5.85 -20.35 -1.76
C01 EZF D . -7.17 -8.72 -8.41
C05 EZF D . -3.66 -24.08 -1.49
C06 EZF D . -6.53 -21.61 -1.91
C07 EZF D . -5.79 -22.80 -1.83
C08 EZF D . -4.46 -22.76 -1.60
C09 EZF D . -3.78 -21.50 -1.44
C12 EZF D . -6.53 -8.69 -6.13
C14 EZF D . -5.82 -8.58 -3.70
C16 EZF D . -7.84 -9.85 -4.20
C18 EZF D . -7.04 -9.69 -1.88
C19 EZF D . -7.19 -10.05 -0.36
C23 EZF D . -6.41 -11.12 1.45
C27 EZF D . -6.87 -14.36 1.43
C30 EZF D . -5.98 -16.60 1.05
C31 EZF D . -7.87 -19.35 -3.98
C34 EZF D . -7.48 -15.76 -0.53
C36 EZF D . -7.36 -16.94 -1.29
C37 EZF D . -6.52 -17.94 -0.84
C38 EZF D . -6.62 -19.01 -1.84
N04 EZF D . -3.77 -24.53 -0.13
N22 EZF D . -6.34 -10.87 -0.01
N29 EZF D . -6.77 -15.64 0.62
N32 EZF D . -5.82 -17.76 0.36
N35 EZF D . -7.91 -17.38 -2.46
N39 EZF D . -7.46 -18.61 -2.77
O02 EZF D . -7.28 -9.34 -7.13
O03 EZF D . -5.70 -7.89 -6.44
O25 EZF D . -4.39 -14.23 1.48
O33 EZF D . -8.21 -14.85 -0.91
CL1 EZF D . -9.36 -11.17 -2.26
#